data_9J0I
#
_entry.id   9J0I
#
_cell.length_a   1.00
_cell.length_b   1.00
_cell.length_c   1.00
_cell.angle_alpha   90.00
_cell.angle_beta   90.00
_cell.angle_gamma   90.00
#
_symmetry.space_group_name_H-M   'P 1'
#
loop_
_entity.id
_entity.type
_entity.pdbx_description
1 polymer 'Guanine nucleotide-binding protein G(i) subunit alpha-1'
2 polymer 'Guanine nucleotide-binding protein G(I)/G(S)/G(T) subunit beta-1'
3 polymer 'Guanine nucleotide-binding protein G(I)/G(S)/G(O) subunit gamma-2'
4 polymer 'Soluble cytochrome b562,P2Y purinoceptor 14'
5 polymer ScFv16
6 non-polymer "URIDINE-5'-DIPHOSPHATE-GLUCURONIC ACID"
#
loop_
_entity_poly.entity_id
_entity_poly.type
_entity_poly.pdbx_seq_one_letter_code
_entity_poly.pdbx_strand_id
1 'polypeptide(L)'
;MGCTLSAEDKAAVERSKMIDRNLREDGEKAAREVKLLLLGAGESGKSTIVKQMKIIHEAGYSEEECKQYKAVVYSNTIQS
IIAIIRAMGRLKIDFGDSARADDARQLFVLAGAAEEGFMTAELAGVIKRLWKDSGVQACFNRSREYQLNDSAAYYLNDLD
RIAQPNYIPTQQDVLRTRVKTTGIVETHFTFKDLHFKMFDVGGQRSERKKWIHCFEGVTAIIFCVALSDYDLVLAEDEEM
NRMHESMKLFDSICNNKWFTDTSIILFLNKKDLFEEKIKKSPLTICYPEYAGSNTYEEAAAYIQCQFEDLNKRKDTKEIY
THFTCATDTKNVQFVFDAVTDVIIKNNLKDCGLF
;
A
2 'polypeptide(L)'
;MHHHHHHGSLLQSELDQLRQEAEQLKNQIRDARKACADATLSQITNNIDPVGRIQMRTRRTLRGHLAKIYAMHWGTDSRL
LVSASQDGKLIIWDSYTTNKVHAIPLRSSWVMTCAYAPSGNYVACGGLDNICSIYNLKTREGNVRVSRELAGHTGYLSCC
RFLDDNQIVTSSGDTTCALWDIETGQQTTTFTGHTGDVMSLSLAPDTRLFVSGACDASAKLWDVREGMCRQTFTGHESDI
NAICFFPNGNAFATGSDDATCRLFDLRADQELMTYSHDNIICGITSVSFSKSGRLLLAGYDDFNCNVWDALKADRAGVLA
GHDNRVSCLGVTDDGMAVATGSWDSFLKIWNGSSGGGGSGGGGSSGVSGWRLFKKIS
;
B
3 'polypeptide(L)' MASNNTASIAQARKLVEQLKMEANIDRIKVSKAAADLMAYCEAHAKEDPLLTPVPASENPFREKKFFCAIL G
4 'polypeptide(L)'
;MKTIIALSYIFCLVFADYKDDDDAGRAHHHHHHHHHHENLYFQSGAPADLEDNWETLNDNLKVIEKADNAAQVKDALTKM
RAAALDAQKATPPKLEDKSPDSPEMKDFRHGFDILVGQIDDALKLANEGKVKEAQAAAEQLKTTRNAYIQKYLEFLEVLF
QGPAINSTSTQPPDESCSQNLLITQQIIPVLYCMVFIAGILLNGVSGWIFFYVPSSKSFIIYLKNIVIADFVMSLTFPFK
ILGDSGLGPWQLNVFVCRVSAVLFYVNMYVSIVFFGLISFDRYYKIVKPLWTSFIQSVSYSKLLSVIVWMLMLLLAVPNI
ILTNQSVREVTQIKCIELKSELGRKWHKASNYIFVAIFWIVFLLLIVFYTAITKKIFKSHLKSSRNSTSVKKKSSRNIFS
IVFVFFVCFVPYHIARIPYTKSQTEAHYSCQSKEILRYMKEFTLLLSAANVCLDPIIYFFLCQPFREILCKKLHIPLKAQ
NDLDISRIKRGNTTLESTDTL
;
R
5 'polypeptide(L)'
;MLLVNQSHQGFNKEHTSKMVSAIVLYVLLAAAAHSAFADVQLVESGGGLVQPGGSRKLSCSASGFAFSSFGMHWVRQAPE
KGLEWVAYISSGSGTIYYADTVKGRFTISRDDPKNTLFLQMTSLRSEDTAMYYCVRSIYYYGSSPFDFWGQGTTLTVSSG
GGGSGGGGSGGGGSDIVMTQATSSVPVTPGESVSISCRSSKSLLHSNGNTYLYWFLQRPGQSPQLLIYRMSNLASGVPDR
FSGSGSGTAFTLTISRLEAEDVGVYYCMQHLEYPLTFGAGTKLELKAAAHHHHHHHH
;
S
#
loop_
_chem_comp.id
_chem_comp.type
_chem_comp.name
_chem_comp.formula
UGA non-polymer 'URIDINE-5'-DIPHOSPHATE-GLUCURONIC ACID' 'C15 H22 N2 O18 P2'
#
# COMPACT_ATOMS: atom_id res chain seq x y z
N CYS A 3 18.34 7.07 -18.67
CA CYS A 3 18.87 8.28 -18.05
C CYS A 3 19.35 7.99 -16.64
N THR A 4 20.68 8.01 -16.46
CA THR A 4 21.32 7.75 -15.16
C THR A 4 20.93 6.40 -14.58
N LEU A 5 20.62 5.44 -15.45
CA LEU A 5 20.26 4.09 -15.02
C LEU A 5 20.92 3.09 -15.96
N SER A 6 21.41 2.00 -15.38
CA SER A 6 22.01 0.93 -16.16
C SER A 6 20.90 0.08 -16.80
N ALA A 7 21.33 -0.79 -17.73
CA ALA A 7 20.37 -1.67 -18.40
C ALA A 7 19.68 -2.59 -17.41
N GLU A 8 20.45 -3.15 -16.47
CA GLU A 8 19.87 -3.99 -15.42
C GLU A 8 18.93 -3.18 -14.53
N ASP A 9 19.30 -1.95 -14.20
CA ASP A 9 18.42 -1.10 -13.42
C ASP A 9 17.14 -0.78 -14.18
N LYS A 10 17.25 -0.51 -15.49
CA LYS A 10 16.07 -0.26 -16.30
C LYS A 10 15.15 -1.47 -16.34
N ALA A 11 15.73 -2.66 -16.49
CA ALA A 11 14.91 -3.88 -16.51
C ALA A 11 14.28 -4.16 -15.15
N ALA A 12 14.99 -3.84 -14.06
CA ALA A 12 14.40 -3.96 -12.73
C ALA A 12 13.23 -2.99 -12.57
N VAL A 13 13.37 -1.77 -13.09
CA VAL A 13 12.28 -0.81 -13.05
C VAL A 13 11.08 -1.33 -13.86
N GLU A 14 11.36 -1.95 -15.00
CA GLU A 14 10.28 -2.54 -15.81
C GLU A 14 9.59 -3.66 -15.04
N ARG A 15 10.36 -4.50 -14.35
CA ARG A 15 9.76 -5.55 -13.53
C ARG A 15 8.90 -4.97 -12.41
N SER A 16 9.38 -3.90 -11.79
CA SER A 16 8.60 -3.24 -10.74
C SER A 16 7.31 -2.66 -11.30
N LYS A 17 7.36 -2.09 -12.51
CA LYS A 17 6.15 -1.56 -13.14
C LYS A 17 5.17 -2.67 -13.46
N MET A 18 5.65 -3.81 -13.94
CA MET A 18 4.77 -4.95 -14.18
C MET A 18 4.13 -5.43 -12.89
N ILE A 19 4.91 -5.48 -11.81
CA ILE A 19 4.37 -5.86 -10.52
C ILE A 19 3.30 -4.86 -10.07
N ASP A 20 3.54 -3.57 -10.30
CA ASP A 20 2.55 -2.55 -9.98
C ASP A 20 1.26 -2.76 -10.75
N ARG A 21 1.37 -3.06 -12.05
CA ARG A 21 0.18 -3.30 -12.85
C ARG A 21 -0.59 -4.52 -12.35
N ASN A 22 0.13 -5.59 -12.02
CA ASN A 22 -0.52 -6.78 -11.48
C ASN A 22 -1.20 -6.48 -10.15
N LEU A 23 -0.56 -5.70 -9.29
CA LEU A 23 -1.15 -5.33 -8.01
C LEU A 23 -2.40 -4.49 -8.20
N ARG A 24 -2.37 -3.55 -9.15
CA ARG A 24 -3.55 -2.74 -9.42
C ARG A 24 -4.70 -3.60 -9.94
N GLU A 25 -4.39 -4.56 -10.83
CA GLU A 25 -5.43 -5.46 -11.32
C GLU A 25 -6.01 -6.30 -10.19
N ASP A 26 -5.15 -6.83 -9.32
CA ASP A 26 -5.64 -7.63 -8.20
C ASP A 26 -6.50 -6.79 -7.25
N GLY A 27 -6.08 -5.56 -6.98
CA GLY A 27 -6.86 -4.69 -6.11
C GLY A 27 -8.21 -4.32 -6.71
N GLU A 28 -8.23 -4.08 -8.03
CA GLU A 28 -9.51 -3.81 -8.70
C GLU A 28 -10.42 -5.03 -8.63
N LYS A 29 -9.87 -6.22 -8.82
CA LYS A 29 -10.68 -7.43 -8.73
C LYS A 29 -11.21 -7.64 -7.32
N ALA A 30 -10.37 -7.38 -6.30
CA ALA A 30 -10.78 -7.60 -4.92
C ALA A 30 -11.74 -6.53 -4.42
N ALA A 31 -11.68 -5.32 -4.97
CA ALA A 31 -12.57 -4.25 -4.53
C ALA A 31 -14.02 -4.55 -4.87
N ARG A 32 -14.26 -5.28 -5.96
CA ARG A 32 -15.61 -5.64 -6.36
C ARG A 32 -16.17 -6.83 -5.59
N GLU A 33 -15.36 -7.47 -4.76
CA GLU A 33 -15.82 -8.60 -3.96
C GLU A 33 -16.52 -8.11 -2.70
N VAL A 34 -17.58 -8.82 -2.31
CA VAL A 34 -18.35 -8.48 -1.12
C VAL A 34 -17.79 -9.29 0.06
N LYS A 35 -17.32 -8.58 1.09
CA LYS A 35 -16.69 -9.20 2.24
C LYS A 35 -17.69 -9.27 3.39
N LEU A 36 -17.94 -10.48 3.87
CA LEU A 36 -18.86 -10.72 4.98
C LEU A 36 -18.10 -11.37 6.12
N LEU A 37 -18.37 -10.94 7.34
CA LEU A 37 -17.76 -11.51 8.54
C LEU A 37 -18.84 -12.29 9.28
N LEU A 38 -18.69 -13.61 9.34
CA LEU A 38 -19.69 -14.47 9.97
C LEU A 38 -19.38 -14.58 11.46
N LEU A 39 -20.36 -14.23 12.29
CA LEU A 39 -20.17 -14.22 13.73
C LEU A 39 -21.37 -14.88 14.40
N GLY A 40 -21.14 -15.37 15.60
CA GLY A 40 -22.19 -16.00 16.37
C GLY A 40 -21.67 -16.40 17.73
N ALA A 41 -22.62 -16.72 18.62
CA ALA A 41 -22.28 -17.10 19.98
C ALA A 41 -21.84 -18.55 20.10
N GLY A 42 -21.94 -19.33 19.03
CA GLY A 42 -21.60 -20.74 19.09
C GLY A 42 -22.36 -21.56 18.06
N GLU A 43 -23.06 -22.59 18.54
CA GLU A 43 -23.88 -23.43 17.67
C GLU A 43 -25.23 -22.75 17.38
N SER A 44 -25.13 -21.58 16.73
CA SER A 44 -26.28 -20.77 16.40
C SER A 44 -26.73 -20.95 14.96
N GLY A 45 -26.18 -21.92 14.24
CA GLY A 45 -26.50 -22.12 12.84
C GLY A 45 -25.48 -21.59 11.87
N LYS A 46 -24.29 -21.20 12.34
CA LYS A 46 -23.26 -20.69 11.43
C LYS A 46 -22.83 -21.77 10.44
N SER A 47 -22.70 -23.01 10.91
CA SER A 47 -22.34 -24.10 10.01
C SER A 47 -23.39 -24.32 8.93
N THR A 48 -24.68 -24.28 9.33
CA THR A 48 -25.75 -24.45 8.35
C THR A 48 -25.76 -23.29 7.36
N ILE A 49 -25.53 -22.06 7.85
CA ILE A 49 -25.50 -20.90 6.96
C ILE A 49 -24.36 -21.03 5.95
N VAL A 50 -23.18 -21.45 6.42
CA VAL A 50 -22.04 -21.63 5.52
C VAL A 50 -22.34 -22.73 4.50
N LYS A 51 -22.95 -23.83 4.94
CA LYS A 51 -23.26 -24.93 4.04
C LYS A 51 -24.25 -24.51 2.96
N GLN A 52 -25.29 -23.76 3.34
CA GLN A 52 -26.30 -23.34 2.38
C GLN A 52 -25.88 -22.13 1.57
N MET A 53 -24.78 -21.49 1.91
CA MET A 53 -24.30 -20.33 1.16
C MET A 53 -22.88 -20.54 0.66
N THR A 182 -7.81 -24.46 10.72
CA THR A 182 -7.82 -24.38 12.17
C THR A 182 -8.06 -22.96 12.65
N GLY A 183 -7.89 -21.99 11.76
CA GLY A 183 -8.09 -20.60 12.08
C GLY A 183 -9.23 -19.97 11.30
N ILE A 184 -8.90 -18.96 10.50
CA ILE A 184 -9.91 -18.31 9.66
C ILE A 184 -10.40 -19.30 8.61
N VAL A 185 -11.70 -19.26 8.33
CA VAL A 185 -12.31 -20.08 7.30
C VAL A 185 -12.91 -19.15 6.25
N GLU A 186 -12.59 -19.39 4.98
CA GLU A 186 -13.06 -18.56 3.89
C GLU A 186 -13.99 -19.37 2.99
N THR A 187 -15.19 -18.84 2.74
CA THR A 187 -16.15 -19.44 1.83
C THR A 187 -16.39 -18.47 0.68
N HIS A 188 -16.15 -18.92 -0.54
CA HIS A 188 -16.30 -18.09 -1.73
C HIS A 188 -17.48 -18.59 -2.54
N PHE A 189 -18.40 -17.69 -2.87
CA PHE A 189 -19.54 -18.10 -3.69
C PHE A 189 -20.04 -16.93 -4.52
N THR A 190 -20.44 -17.22 -5.76
CA THR A 190 -20.92 -16.21 -6.68
C THR A 190 -22.44 -16.29 -6.78
N PHE A 191 -23.10 -15.16 -6.54
CA PHE A 191 -24.55 -15.06 -6.61
C PHE A 191 -24.92 -13.77 -7.34
N LYS A 192 -25.68 -13.91 -8.42
CA LYS A 192 -26.18 -12.76 -9.20
C LYS A 192 -25.04 -11.81 -9.57
N ASP A 193 -23.98 -12.38 -10.12
CA ASP A 193 -22.80 -11.64 -10.60
C ASP A 193 -22.08 -10.89 -9.47
N LEU A 194 -22.28 -11.32 -8.22
CA LEU A 194 -21.54 -10.77 -7.09
C LEU A 194 -20.76 -11.90 -6.42
N HIS A 195 -19.46 -11.69 -6.24
CA HIS A 195 -18.60 -12.67 -5.61
C HIS A 195 -18.50 -12.36 -4.12
N PHE A 196 -18.93 -13.29 -3.28
CA PHE A 196 -18.96 -13.12 -1.85
C PHE A 196 -17.86 -13.95 -1.21
N LYS A 197 -17.06 -13.30 -0.36
CA LYS A 197 -16.10 -13.96 0.52
C LYS A 197 -16.61 -13.82 1.94
N MET A 198 -16.98 -14.96 2.55
CA MET A 198 -17.48 -15.00 3.92
C MET A 198 -16.40 -15.59 4.81
N PHE A 199 -16.02 -14.85 5.84
CA PHE A 199 -14.93 -15.21 6.74
C PHE A 199 -15.51 -15.62 8.08
N ASP A 200 -15.33 -16.88 8.44
CA ASP A 200 -15.76 -17.42 9.73
C ASP A 200 -14.55 -17.45 10.65
N VAL A 201 -14.69 -16.81 11.81
CA VAL A 201 -13.62 -16.73 12.80
C VAL A 201 -13.87 -17.67 13.97
N GLY A 202 -14.81 -18.60 13.84
CA GLY A 202 -15.06 -19.55 14.90
C GLY A 202 -13.86 -20.47 15.12
N GLY A 203 -13.67 -20.86 16.37
CA GLY A 203 -12.55 -21.69 16.75
C GLY A 203 -11.25 -20.94 17.00
N GLN A 204 -11.25 -19.62 16.85
CA GLN A 204 -10.04 -18.85 17.14
C GLN A 204 -9.65 -18.96 18.61
N ARG A 205 -10.63 -18.84 19.51
CA ARG A 205 -10.44 -19.07 20.94
C ARG A 205 -9.34 -18.19 21.53
N SER A 206 -9.24 -16.95 21.06
CA SER A 206 -8.26 -16.00 21.56
C SER A 206 -8.94 -14.66 21.84
N GLU A 207 -8.14 -13.65 22.17
CA GLU A 207 -8.66 -12.32 22.43
C GLU A 207 -9.16 -11.71 21.12
N ARG A 208 -10.48 -11.49 21.03
CA ARG A 208 -11.06 -10.95 19.81
C ARG A 208 -10.58 -9.54 19.53
N LYS A 209 -10.37 -8.73 20.57
CA LYS A 209 -9.96 -7.35 20.38
C LYS A 209 -8.59 -7.23 19.71
N LYS A 210 -7.78 -8.29 19.73
CA LYS A 210 -6.46 -8.25 19.14
C LYS A 210 -6.45 -8.54 17.65
N TRP A 211 -7.56 -9.02 17.08
CA TRP A 211 -7.62 -9.29 15.66
C TRP A 211 -8.92 -8.85 14.99
N ILE A 212 -9.87 -8.29 15.75
CA ILE A 212 -11.13 -7.89 15.13
C ILE A 212 -10.93 -6.70 14.20
N HIS A 213 -9.94 -5.85 14.49
CA HIS A 213 -9.65 -4.70 13.65
C HIS A 213 -9.22 -5.09 12.24
N CYS A 214 -8.82 -6.34 12.03
CA CYS A 214 -8.52 -6.82 10.69
C CYS A 214 -9.75 -6.82 9.79
N PHE A 215 -10.94 -6.88 10.37
CA PHE A 215 -12.19 -6.93 9.61
C PHE A 215 -12.90 -5.59 9.58
N GLU A 216 -12.15 -4.48 9.68
CA GLU A 216 -12.76 -3.16 9.69
C GLU A 216 -13.44 -2.86 8.36
N GLY A 217 -12.82 -3.24 7.25
CA GLY A 217 -13.30 -2.92 5.92
C GLY A 217 -14.25 -3.91 5.30
N VAL A 218 -14.74 -4.90 6.05
CA VAL A 218 -15.67 -5.87 5.48
C VAL A 218 -16.97 -5.18 5.08
N THR A 219 -17.60 -5.69 4.02
CA THR A 219 -18.84 -5.09 3.55
C THR A 219 -19.95 -5.22 4.58
N ALA A 220 -20.05 -6.38 5.23
CA ALA A 220 -21.12 -6.56 6.22
C ALA A 220 -20.72 -7.65 7.22
N ILE A 221 -21.46 -7.69 8.32
CA ILE A 221 -21.29 -8.71 9.34
C ILE A 221 -22.57 -9.53 9.42
N ILE A 222 -22.45 -10.82 9.16
CA ILE A 222 -23.59 -11.74 9.26
C ILE A 222 -23.55 -12.37 10.65
N PHE A 223 -24.48 -11.96 11.52
CA PHE A 223 -24.53 -12.44 12.89
C PHE A 223 -25.67 -13.44 13.02
N CYS A 224 -25.33 -14.66 13.43
CA CYS A 224 -26.31 -15.74 13.55
C CYS A 224 -26.66 -15.96 15.00
N VAL A 225 -27.95 -15.97 15.31
CA VAL A 225 -28.45 -16.19 16.66
C VAL A 225 -29.49 -17.30 16.61
N ALA A 226 -29.33 -18.30 17.48
CA ALA A 226 -30.30 -19.39 17.55
C ALA A 226 -31.50 -18.95 18.37
N LEU A 227 -32.69 -18.99 17.75
CA LEU A 227 -33.90 -18.59 18.46
C LEU A 227 -34.25 -19.56 19.58
N SER A 228 -33.96 -20.84 19.39
CA SER A 228 -34.25 -21.85 20.40
C SER A 228 -33.32 -21.77 21.61
N ASP A 229 -32.27 -20.96 21.54
CA ASP A 229 -31.31 -20.85 22.63
C ASP A 229 -31.86 -20.08 23.84
N TYR A 230 -33.04 -19.48 23.72
CA TYR A 230 -33.60 -18.71 24.83
C TYR A 230 -33.87 -19.57 26.05
N ASP A 231 -34.16 -20.85 25.84
CA ASP A 231 -34.42 -21.77 26.95
C ASP A 231 -33.17 -22.53 27.39
N LEU A 232 -32.02 -22.26 26.78
CA LEU A 232 -30.79 -22.94 27.10
C LEU A 232 -29.84 -22.01 27.85
N VAL A 233 -28.87 -22.59 28.54
CA VAL A 233 -27.88 -21.86 29.30
C VAL A 233 -26.50 -22.42 29.00
N LEU A 234 -25.48 -21.61 29.26
CA LEU A 234 -24.10 -22.02 29.03
C LEU A 234 -23.58 -22.88 30.18
N MET A 240 -25.30 -18.50 32.96
CA MET A 240 -25.48 -17.53 31.90
C MET A 240 -26.37 -18.08 30.78
N ASN A 241 -27.49 -17.41 30.52
CA ASN A 241 -28.40 -17.85 29.48
C ASN A 241 -27.76 -17.70 28.11
N ARG A 242 -28.06 -18.65 27.22
CA ARG A 242 -27.48 -18.61 25.88
C ARG A 242 -27.95 -17.39 25.11
N MET A 243 -29.24 -17.04 25.20
CA MET A 243 -29.74 -15.87 24.50
C MET A 243 -29.12 -14.59 25.05
N HIS A 244 -28.93 -14.51 26.36
CA HIS A 244 -28.29 -13.34 26.95
C HIS A 244 -26.84 -13.22 26.48
N GLU A 245 -26.13 -14.34 26.42
CA GLU A 245 -24.76 -14.31 25.91
C GLU A 245 -24.72 -13.88 24.45
N SER A 246 -25.68 -14.36 23.64
CA SER A 246 -25.75 -13.94 22.25
C SER A 246 -26.02 -12.45 22.14
N MET A 247 -26.91 -11.93 22.98
CA MET A 247 -27.19 -10.50 22.97
C MET A 247 -25.96 -9.70 23.37
N LYS A 248 -25.22 -10.16 24.38
CA LYS A 248 -24.00 -9.46 24.80
C LYS A 248 -22.97 -9.46 23.69
N LEU A 249 -22.79 -10.59 23.01
CA LEU A 249 -21.83 -10.65 21.90
C LEU A 249 -22.28 -9.75 20.76
N PHE A 250 -23.58 -9.72 20.47
CA PHE A 250 -24.08 -8.84 19.43
C PHE A 250 -23.84 -7.37 19.79
N ASP A 251 -24.06 -7.00 21.04
CA ASP A 251 -23.79 -5.64 21.48
C ASP A 251 -22.32 -5.29 21.33
N SER A 252 -21.44 -6.21 21.75
CA SER A 252 -20.01 -5.96 21.64
C SER A 252 -19.57 -5.80 20.19
N ILE A 253 -20.11 -6.64 19.31
CA ILE A 253 -19.72 -6.57 17.90
C ILE A 253 -20.27 -5.30 17.25
N CYS A 254 -21.52 -4.94 17.57
CA CYS A 254 -22.17 -3.82 16.91
C CYS A 254 -21.61 -2.48 17.39
N ASN A 255 -21.31 -2.36 18.69
CA ASN A 255 -20.97 -1.07 19.28
C ASN A 255 -19.48 -0.87 19.47
N ASN A 256 -18.64 -1.73 18.90
CA ASN A 256 -17.20 -1.52 19.03
C ASN A 256 -16.73 -0.44 18.07
N LYS A 257 -15.51 0.06 18.30
CA LYS A 257 -14.96 1.16 17.54
C LYS A 257 -14.63 0.79 16.10
N TRP A 258 -14.62 -0.49 15.75
CA TRP A 258 -14.23 -0.90 14.41
C TRP A 258 -15.41 -1.13 13.48
N PHE A 259 -16.62 -1.29 14.01
CA PHE A 259 -17.79 -1.53 13.18
C PHE A 259 -18.83 -0.43 13.41
N THR A 260 -18.38 0.83 13.40
CA THR A 260 -19.30 1.94 13.63
C THR A 260 -20.36 2.03 12.55
N ASP A 261 -19.95 1.89 11.29
CA ASP A 261 -20.87 2.03 10.16
C ASP A 261 -21.12 0.72 9.44
N THR A 262 -20.50 -0.38 9.85
CA THR A 262 -20.69 -1.65 9.17
C THR A 262 -22.08 -2.20 9.45
N SER A 263 -22.79 -2.59 8.40
CA SER A 263 -24.13 -3.14 8.53
C SER A 263 -24.07 -4.58 9.03
N ILE A 264 -25.15 -4.99 9.68
CA ILE A 264 -25.26 -6.32 10.27
C ILE A 264 -26.50 -7.00 9.73
N ILE A 265 -26.32 -8.20 9.19
CA ILE A 265 -27.43 -9.07 8.78
C ILE A 265 -27.66 -10.05 9.91
N LEU A 266 -28.78 -9.91 10.61
CA LEU A 266 -29.09 -10.75 11.76
C LEU A 266 -29.92 -11.94 11.28
N PHE A 267 -29.36 -13.13 11.37
CA PHE A 267 -30.05 -14.36 11.01
C PHE A 267 -30.53 -15.04 12.27
N LEU A 268 -31.84 -14.99 12.51
CA LEU A 268 -32.45 -15.66 13.65
C LEU A 268 -32.81 -17.07 13.21
N ASN A 269 -31.87 -17.99 13.42
CA ASN A 269 -32.00 -19.35 12.92
C ASN A 269 -32.84 -20.20 13.88
N LYS A 270 -33.10 -21.43 13.44
CA LYS A 270 -33.84 -22.42 14.23
C LYS A 270 -35.22 -21.91 14.63
N LYS A 271 -35.90 -21.22 13.70
CA LYS A 271 -37.25 -20.74 13.98
C LYS A 271 -38.25 -21.89 14.02
N ASP A 272 -37.99 -22.97 13.28
CA ASP A 272 -38.88 -24.13 13.32
C ASP A 272 -38.88 -24.77 14.70
N LEU A 273 -37.71 -24.92 15.31
CA LEU A 273 -37.64 -25.46 16.67
C LEU A 273 -38.13 -24.43 17.68
N PHE A 274 -37.94 -23.14 17.40
CA PHE A 274 -38.42 -22.10 18.30
C PHE A 274 -39.94 -22.10 18.37
N GLU A 275 -40.61 -22.37 17.24
CA GLU A 275 -42.06 -22.43 17.24
C GLU A 275 -42.57 -23.55 18.14
N GLU A 276 -41.91 -24.71 18.11
CA GLU A 276 -42.30 -25.82 18.98
C GLU A 276 -41.97 -25.52 20.44
N LYS A 277 -40.82 -24.88 20.69
CA LYS A 277 -40.42 -24.60 22.06
C LYS A 277 -41.33 -23.57 22.71
N ILE A 278 -41.76 -22.56 21.95
CA ILE A 278 -42.58 -21.49 22.51
C ILE A 278 -43.97 -21.99 22.89
N LYS A 279 -44.39 -23.15 22.38
CA LYS A 279 -45.69 -23.69 22.73
C LYS A 279 -45.76 -24.20 24.16
N LYS A 280 -44.62 -24.55 24.76
CA LYS A 280 -44.60 -25.08 26.11
C LYS A 280 -43.68 -24.27 27.01
N SER A 281 -42.59 -23.75 26.45
CA SER A 281 -41.64 -22.96 27.23
C SER A 281 -41.90 -21.48 27.01
N PRO A 282 -42.35 -20.74 28.02
CA PRO A 282 -42.61 -19.31 27.84
C PRO A 282 -41.32 -18.52 27.63
N LEU A 283 -41.45 -17.40 26.92
CA LEU A 283 -40.33 -16.51 26.69
C LEU A 283 -39.87 -15.79 27.96
N THR A 284 -40.66 -15.86 29.03
CA THR A 284 -40.29 -15.19 30.28
C THR A 284 -39.04 -15.79 30.91
N ILE A 285 -38.62 -16.98 30.48
CA ILE A 285 -37.40 -17.58 30.98
C ILE A 285 -36.20 -16.70 30.62
N CYS A 286 -36.15 -16.21 29.39
CA CYS A 286 -35.07 -15.34 28.96
C CYS A 286 -35.35 -13.87 29.29
N TYR A 287 -36.53 -13.37 28.93
CA TYR A 287 -36.92 -12.00 29.18
C TYR A 287 -38.14 -11.95 30.10
N PRO A 288 -37.95 -11.73 31.40
CA PRO A 288 -39.11 -11.63 32.30
C PRO A 288 -40.02 -10.47 31.95
N GLU A 289 -39.50 -9.40 31.37
CA GLU A 289 -40.30 -8.22 31.05
C GLU A 289 -41.26 -8.45 29.89
N TYR A 290 -41.15 -9.58 29.19
CA TYR A 290 -42.02 -9.87 28.06
C TYR A 290 -43.46 -10.06 28.52
N ALA A 291 -44.31 -9.08 28.24
CA ALA A 291 -45.71 -9.14 28.62
C ALA A 291 -46.63 -9.67 27.52
N GLY A 292 -46.08 -9.98 26.35
CA GLY A 292 -46.89 -10.47 25.26
C GLY A 292 -47.28 -11.93 25.42
N SER A 293 -48.21 -12.36 24.59
CA SER A 293 -48.65 -13.75 24.60
C SER A 293 -47.55 -14.68 24.10
N ASN A 294 -47.51 -15.89 24.67
CA ASN A 294 -46.51 -16.88 24.30
C ASN A 294 -46.89 -17.50 22.95
N THR A 295 -46.64 -16.73 21.90
CA THR A 295 -46.88 -17.16 20.53
C THR A 295 -45.61 -16.98 19.72
N TYR A 296 -45.48 -17.78 18.66
CA TYR A 296 -44.26 -17.75 17.85
C TYR A 296 -44.02 -16.38 17.24
N GLU A 297 -45.06 -15.80 16.64
CA GLU A 297 -44.89 -14.51 15.97
C GLU A 297 -44.55 -13.41 16.96
N GLU A 298 -45.30 -13.32 18.06
CA GLU A 298 -45.06 -12.27 19.04
C GLU A 298 -43.71 -12.42 19.71
N ALA A 299 -43.33 -13.65 20.08
CA ALA A 299 -42.03 -13.88 20.70
C ALA A 299 -40.89 -13.57 19.74
N ALA A 300 -41.03 -13.97 18.47
CA ALA A 300 -40.00 -13.67 17.48
C ALA A 300 -39.86 -12.16 17.28
N ALA A 301 -40.99 -11.45 17.21
CA ALA A 301 -40.93 -9.99 17.07
C ALA A 301 -40.28 -9.35 18.28
N TYR A 302 -40.59 -9.84 19.48
CA TYR A 302 -39.98 -9.29 20.68
C TYR A 302 -38.47 -9.53 20.69
N ILE A 303 -38.04 -10.73 20.30
CA ILE A 303 -36.62 -11.04 20.26
C ILE A 303 -35.91 -10.15 19.24
N GLN A 304 -36.51 -9.99 18.07
CA GLN A 304 -35.91 -9.14 17.04
C GLN A 304 -35.81 -7.69 17.49
N CYS A 305 -36.86 -7.18 18.15
CA CYS A 305 -36.82 -5.82 18.66
C CYS A 305 -35.76 -5.66 19.74
N GLN A 306 -35.63 -6.65 20.63
CA GLN A 306 -34.62 -6.60 21.67
C GLN A 306 -33.22 -6.59 21.07
N PHE A 307 -33.00 -7.40 20.03
CA PHE A 307 -31.69 -7.43 19.37
C PHE A 307 -31.41 -6.11 18.65
N GLU A 308 -32.42 -5.54 18.00
CA GLU A 308 -32.23 -4.26 17.32
C GLU A 308 -32.04 -3.10 18.29
N ASP A 309 -32.56 -3.23 19.52
CA ASP A 309 -32.39 -2.18 20.52
C ASP A 309 -30.96 -2.10 21.05
N LEU A 310 -30.11 -3.06 20.73
CA LEU A 310 -28.71 -3.03 21.15
C LEU A 310 -27.86 -2.10 20.30
N ASN A 311 -28.42 -1.54 19.23
CA ASN A 311 -27.67 -0.64 18.35
C ASN A 311 -27.72 0.77 18.92
N LYS A 312 -26.56 1.31 19.29
CA LYS A 312 -26.46 2.68 19.78
C LYS A 312 -26.31 3.71 18.67
N ARG A 313 -26.17 3.26 17.42
CA ARG A 313 -25.95 4.12 16.27
C ARG A 313 -26.94 3.78 15.16
N LYS A 314 -28.22 3.71 15.54
CA LYS A 314 -29.26 3.32 14.59
C LYS A 314 -29.33 4.27 13.40
N ASP A 315 -28.96 5.54 13.59
CA ASP A 315 -29.00 6.49 12.49
C ASP A 315 -27.99 6.14 11.40
N THR A 316 -26.79 5.73 11.79
CA THR A 316 -25.70 5.48 10.84
C THR A 316 -25.55 4.01 10.46
N LYS A 317 -26.21 3.10 11.18
CA LYS A 317 -26.06 1.67 10.92
C LYS A 317 -27.43 1.03 10.78
N GLU A 318 -27.54 0.07 9.87
CA GLU A 318 -28.77 -0.66 9.63
C GLU A 318 -28.56 -2.13 9.97
N ILE A 319 -29.59 -2.75 10.55
CA ILE A 319 -29.58 -4.16 10.90
C ILE A 319 -30.64 -4.86 10.07
N TYR A 320 -30.23 -5.87 9.31
CA TYR A 320 -31.11 -6.60 8.40
C TYR A 320 -31.47 -7.93 9.06
N THR A 321 -32.51 -7.92 9.88
CA THR A 321 -32.95 -9.13 10.57
C THR A 321 -33.73 -10.03 9.62
N HIS A 322 -33.39 -11.31 9.61
CA HIS A 322 -34.06 -12.29 8.79
C HIS A 322 -34.30 -13.56 9.61
N PHE A 323 -35.34 -14.30 9.23
CA PHE A 323 -35.70 -15.54 9.90
C PHE A 323 -35.46 -16.72 8.97
N THR A 324 -34.69 -17.70 9.45
CA THR A 324 -34.40 -18.90 8.69
C THR A 324 -34.55 -20.12 9.60
N CYS A 325 -34.98 -21.24 9.01
CA CYS A 325 -35.16 -22.47 9.77
C CYS A 325 -34.20 -23.57 9.33
N ALA A 326 -34.22 -23.96 8.05
CA ALA A 326 -33.34 -25.01 7.56
C ALA A 326 -33.32 -25.04 6.04
N THR A 327 -32.12 -24.96 5.46
CA THR A 327 -31.90 -25.13 4.02
C THR A 327 -32.80 -24.20 3.21
N ASP A 328 -32.94 -22.95 3.67
CA ASP A 328 -33.76 -21.98 2.98
C ASP A 328 -32.95 -21.30 1.87
N THR A 329 -33.49 -21.32 0.66
CA THR A 329 -32.82 -20.71 -0.49
C THR A 329 -32.98 -19.19 -0.53
N LYS A 330 -33.86 -18.62 0.29
CA LYS A 330 -34.07 -17.18 0.32
C LYS A 330 -33.05 -16.47 1.19
N ASN A 331 -32.24 -17.20 1.96
CA ASN A 331 -31.21 -16.56 2.78
C ASN A 331 -30.17 -15.87 1.92
N VAL A 332 -29.75 -16.53 0.84
CA VAL A 332 -28.77 -15.92 -0.07
C VAL A 332 -29.36 -14.69 -0.73
N GLN A 333 -30.65 -14.73 -1.08
CA GLN A 333 -31.30 -13.55 -1.67
C GLN A 333 -31.36 -12.40 -0.68
N PHE A 334 -31.67 -12.69 0.59
CA PHE A 334 -31.69 -11.65 1.61
C PHE A 334 -30.32 -11.05 1.80
N VAL A 335 -29.28 -11.89 1.84
CA VAL A 335 -27.91 -11.40 1.94
C VAL A 335 -27.57 -10.53 0.74
N PHE A 336 -27.97 -10.95 -0.46
CA PHE A 336 -27.69 -10.18 -1.66
C PHE A 336 -28.36 -8.82 -1.60
N ASP A 337 -29.63 -8.77 -1.17
CA ASP A 337 -30.32 -7.48 -1.07
C ASP A 337 -29.65 -6.57 -0.06
N ALA A 338 -29.28 -7.12 1.10
CA ALA A 338 -28.64 -6.30 2.14
C ALA A 338 -27.30 -5.76 1.66
N VAL A 339 -26.49 -6.61 1.03
CA VAL A 339 -25.18 -6.15 0.57
C VAL A 339 -25.33 -5.22 -0.62
N THR A 340 -26.39 -5.36 -1.41
CA THR A 340 -26.62 -4.39 -2.49
C THR A 340 -26.93 -3.01 -1.92
N ASP A 341 -27.78 -2.96 -0.89
CA ASP A 341 -28.04 -1.67 -0.24
C ASP A 341 -26.77 -1.10 0.38
N VAL A 342 -25.97 -1.95 1.02
CA VAL A 342 -24.72 -1.49 1.63
C VAL A 342 -23.76 -0.98 0.57
N ILE A 343 -23.67 -1.67 -0.57
CA ILE A 343 -22.77 -1.26 -1.64
C ILE A 343 -23.20 0.07 -2.23
N ILE A 344 -24.51 0.25 -2.43
CA ILE A 344 -25.00 1.53 -2.97
C ILE A 344 -24.72 2.67 -1.98
N LYS A 345 -24.92 2.41 -0.69
CA LYS A 345 -24.61 3.43 0.32
C LYS A 345 -23.12 3.76 0.32
N ASN A 346 -22.28 2.74 0.20
CA ASN A 346 -20.83 2.97 0.17
C ASN A 346 -20.42 3.74 -1.08
N ASN A 347 -21.04 3.45 -2.21
CA ASN A 347 -20.77 4.22 -3.43
C ASN A 347 -21.18 5.66 -3.28
N LEU A 348 -22.33 5.91 -2.65
CA LEU A 348 -22.75 7.28 -2.39
C LEU A 348 -21.77 7.99 -1.48
N LYS A 349 -21.29 7.30 -0.44
CA LYS A 349 -20.33 7.91 0.47
C LYS A 349 -19.01 8.21 -0.23
N ASP A 350 -18.53 7.30 -1.07
CA ASP A 350 -17.25 7.48 -1.74
C ASP A 350 -17.30 8.61 -2.76
N CYS A 351 -18.43 8.78 -3.44
CA CYS A 351 -18.58 9.80 -4.47
C CYS A 351 -18.78 11.19 -3.89
N GLY A 352 -18.77 11.34 -2.57
CA GLY A 352 -19.07 12.62 -1.96
C GLY A 352 -20.50 13.06 -2.17
N LEU A 353 -21.44 12.12 -2.18
CA LEU A 353 -22.85 12.41 -2.37
C LEU A 353 -23.70 12.07 -1.16
N PHE A 354 -23.09 11.60 -0.07
CA PHE A 354 -23.82 11.24 1.13
C PHE A 354 -23.07 11.70 2.37
N LEU B 15 -3.50 -27.21 46.64
CA LEU B 15 -4.14 -26.08 45.98
C LEU B 15 -3.87 -24.78 46.73
N ASP B 16 -4.45 -24.66 47.93
CA ASP B 16 -4.22 -23.47 48.74
C ASP B 16 -2.76 -23.36 49.17
N GLN B 17 -2.15 -24.48 49.55
CA GLN B 17 -0.75 -24.47 49.93
C GLN B 17 0.14 -24.08 48.75
N LEU B 18 -0.16 -24.60 47.56
CA LEU B 18 0.61 -24.24 46.38
C LEU B 18 0.45 -22.76 46.04
N ARG B 19 -0.77 -22.23 46.18
CA ARG B 19 -0.98 -20.81 45.94
C ARG B 19 -0.21 -19.96 46.94
N GLN B 20 -0.21 -20.37 48.22
CA GLN B 20 0.56 -19.63 49.22
C GLN B 20 2.05 -19.68 48.92
N GLU B 21 2.56 -20.84 48.49
CA GLU B 21 3.97 -20.95 48.14
C GLU B 21 4.31 -20.07 46.93
N ALA B 22 3.41 -20.03 45.94
CA ALA B 22 3.63 -19.17 44.78
C ALA B 22 3.65 -17.70 45.19
N GLU B 23 2.74 -17.30 46.08
CA GLU B 23 2.73 -15.93 46.58
C GLU B 23 4.01 -15.60 47.33
N GLN B 24 4.48 -16.54 48.15
CA GLN B 24 5.74 -16.32 48.87
C GLN B 24 6.91 -16.19 47.91
N LEU B 25 6.95 -17.03 46.86
CA LEU B 25 8.02 -16.93 45.87
C LEU B 25 7.97 -15.60 45.12
N LYS B 26 6.76 -15.14 44.77
CA LYS B 26 6.63 -13.84 44.11
C LYS B 26 7.09 -12.73 45.03
N ASN B 27 6.74 -12.80 46.31
CA ASN B 27 7.20 -11.79 47.27
C ASN B 27 8.73 -11.80 47.40
N GLN B 28 9.33 -12.99 47.42
CA GLN B 28 10.78 -13.09 47.48
C GLN B 28 11.42 -12.48 46.24
N ILE B 29 10.84 -12.75 45.07
CA ILE B 29 11.36 -12.18 43.82
C ILE B 29 11.28 -10.66 43.85
N ARG B 30 10.14 -10.13 44.31
CA ARG B 30 9.98 -8.68 44.40
C ARG B 30 10.97 -8.08 45.39
N ASP B 31 11.19 -8.75 46.51
CA ASP B 31 12.14 -8.26 47.50
C ASP B 31 13.56 -8.25 46.94
N ALA B 32 13.94 -9.30 46.21
CA ALA B 32 15.26 -9.33 45.59
C ALA B 32 15.41 -8.20 44.56
N ARG B 33 14.37 -7.98 43.75
CA ARG B 33 14.40 -6.90 42.77
C ARG B 33 14.56 -5.54 43.46
N LYS B 34 13.80 -5.33 44.54
CA LYS B 34 13.91 -4.07 45.27
C LYS B 34 15.28 -3.90 45.90
N ALA B 35 15.86 -4.98 46.42
CA ALA B 35 17.20 -4.90 46.98
C ALA B 35 18.23 -4.56 45.92
N CYS B 36 18.09 -5.13 44.72
CA CYS B 36 19.02 -4.82 43.64
C CYS B 36 18.82 -3.44 43.04
N ALA B 37 17.72 -2.76 43.36
CA ALA B 37 17.43 -1.43 42.80
C ALA B 37 18.01 -0.34 43.71
N ASP B 38 19.35 -0.27 43.71
CA ASP B 38 20.02 0.74 44.52
C ASP B 38 19.82 2.14 43.93
N ALA B 39 19.84 2.26 42.60
CA ALA B 39 19.67 3.54 41.93
C ALA B 39 18.74 3.33 40.74
N THR B 40 18.61 4.38 39.93
CA THR B 40 17.78 4.34 38.73
C THR B 40 18.59 4.86 37.55
N LEU B 41 18.23 4.37 36.36
CA LEU B 41 18.89 4.84 35.15
C LEU B 41 18.65 6.33 34.92
N SER B 42 17.46 6.82 35.28
CA SER B 42 17.17 8.24 35.13
C SER B 42 18.08 9.10 36.01
N GLN B 43 18.30 8.68 37.25
CA GLN B 43 19.17 9.44 38.15
C GLN B 43 20.64 9.25 37.83
N ILE B 44 20.99 8.28 36.98
CA ILE B 44 22.38 8.07 36.57
C ILE B 44 22.70 8.86 35.30
N THR B 45 21.76 8.96 34.38
CA THR B 45 22.00 9.62 33.09
C THR B 45 21.70 11.12 33.14
N ASN B 46 21.70 11.74 34.32
CA ASN B 46 21.55 13.19 34.38
C ASN B 46 22.83 13.93 34.02
N ASN B 47 23.98 13.25 34.05
CA ASN B 47 25.26 13.88 33.79
C ASN B 47 25.64 13.85 32.32
N ILE B 48 24.84 13.23 31.46
CA ILE B 48 25.13 13.15 30.03
C ILE B 48 24.25 14.13 29.29
N ASP B 49 24.77 14.67 28.19
CA ASP B 49 24.05 15.66 27.42
C ASP B 49 22.88 15.01 26.67
N PRO B 50 21.77 15.73 26.51
CA PRO B 50 20.65 15.19 25.73
C PRO B 50 21.01 15.10 24.25
N VAL B 51 20.29 14.21 23.56
CA VAL B 51 20.53 14.00 22.14
C VAL B 51 20.00 15.14 21.28
N GLY B 52 19.24 16.07 21.86
CA GLY B 52 18.68 17.16 21.09
C GLY B 52 17.42 16.76 20.35
N ARG B 53 17.01 17.63 19.44
CA ARG B 53 15.80 17.42 18.64
C ARG B 53 16.18 16.60 17.41
N ILE B 54 15.72 15.35 17.38
CA ILE B 54 16.00 14.46 16.25
C ILE B 54 15.01 14.77 15.14
N GLN B 55 15.54 15.11 13.97
CA GLN B 55 14.73 15.48 12.80
C GLN B 55 15.01 14.46 11.70
N MET B 56 14.26 13.37 11.68
CA MET B 56 14.36 12.36 10.64
C MET B 56 13.37 12.70 9.53
N ARG B 57 13.88 13.11 8.38
CA ARG B 57 13.03 13.43 7.24
C ARG B 57 12.75 12.17 6.43
N THR B 58 11.57 12.12 5.84
CA THR B 58 11.19 10.99 5.00
C THR B 58 11.89 11.10 3.65
N ARG B 59 12.47 9.99 3.20
CA ARG B 59 13.23 9.93 1.97
C ARG B 59 12.58 9.04 0.92
N ARG B 60 12.04 7.90 1.31
CA ARG B 60 11.37 6.97 0.41
C ARG B 60 9.95 6.70 0.89
N THR B 61 9.00 6.69 -0.03
CA THR B 61 7.63 6.31 0.25
C THR B 61 7.28 5.13 -0.64
N LEU B 62 7.01 3.98 -0.03
CA LEU B 62 6.74 2.75 -0.76
C LEU B 62 5.24 2.61 -0.96
N ARG B 63 4.81 2.70 -2.22
CA ARG B 63 3.40 2.62 -2.59
C ARG B 63 3.14 1.39 -3.44
N GLY B 64 1.99 0.76 -3.22
CA GLY B 64 1.65 -0.45 -3.95
C GLY B 64 0.83 -1.42 -3.13
N HIS B 65 0.88 -1.29 -1.81
CA HIS B 65 -0.05 -2.00 -0.95
C HIS B 65 -1.40 -1.31 -0.98
N LEU B 66 -2.46 -2.08 -1.14
CA LEU B 66 -3.81 -1.54 -1.29
C LEU B 66 -4.69 -1.79 -0.06
N ALA B 67 -4.11 -2.28 1.03
CA ALA B 67 -4.84 -2.50 2.26
C ALA B 67 -3.96 -2.09 3.43
N LYS B 68 -4.47 -2.29 4.64
CA LYS B 68 -3.70 -1.95 5.84
C LYS B 68 -2.48 -2.86 5.94
N ILE B 69 -1.32 -2.26 6.14
CA ILE B 69 -0.06 -2.99 6.26
C ILE B 69 0.14 -3.36 7.72
N TYR B 70 0.35 -4.64 7.98
CA TYR B 70 0.41 -5.14 9.35
C TYR B 70 1.81 -5.45 9.84
N ALA B 71 2.73 -5.80 8.95
CA ALA B 71 4.07 -6.18 9.37
C ALA B 71 5.08 -5.74 8.32
N MET B 72 6.35 -5.70 8.74
CA MET B 72 7.45 -5.29 7.89
C MET B 72 8.75 -5.66 8.57
N HIS B 73 9.67 -6.24 7.81
CA HIS B 73 10.97 -6.64 8.35
C HIS B 73 12.07 -6.24 7.38
N TRP B 74 13.15 -5.68 7.92
CA TRP B 74 14.30 -5.30 7.12
C TRP B 74 15.15 -6.53 6.80
N GLY B 75 15.83 -6.47 5.65
CA GLY B 75 16.86 -7.44 5.37
C GLY B 75 18.19 -7.06 6.01
N THR B 76 19.05 -8.07 6.19
CA THR B 76 20.35 -7.83 6.79
C THR B 76 21.27 -7.02 5.89
N ASP B 77 20.97 -6.91 4.60
CA ASP B 77 21.71 -6.04 3.71
C ASP B 77 21.30 -4.58 3.86
N SER B 78 20.28 -4.30 4.68
CA SER B 78 19.77 -2.96 4.96
C SER B 78 19.23 -2.27 3.70
N ARG B 79 18.95 -3.05 2.67
CA ARG B 79 18.38 -2.53 1.43
C ARG B 79 17.08 -3.22 1.04
N LEU B 80 17.00 -4.54 1.18
CA LEU B 80 15.79 -5.26 0.88
C LEU B 80 14.85 -5.25 2.09
N LEU B 81 13.58 -4.99 1.83
CA LEU B 81 12.60 -4.78 2.90
C LEU B 81 11.30 -5.49 2.55
N VAL B 82 10.87 -6.42 3.39
CA VAL B 82 9.63 -7.14 3.16
C VAL B 82 8.52 -6.52 3.98
N SER B 83 7.32 -6.47 3.40
CA SER B 83 6.14 -5.94 4.07
C SER B 83 4.95 -6.83 3.76
N ALA B 84 4.02 -6.91 4.71
CA ALA B 84 2.83 -7.73 4.60
C ALA B 84 1.60 -6.86 4.75
N SER B 85 0.63 -7.03 3.85
CA SER B 85 -0.60 -6.25 3.90
C SER B 85 -1.81 -7.17 3.91
N GLN B 86 -2.93 -6.63 4.37
CA GLN B 86 -4.17 -7.38 4.49
C GLN B 86 -4.81 -7.69 3.14
N ASP B 87 -4.31 -7.11 2.05
CA ASP B 87 -4.79 -7.44 0.72
C ASP B 87 -4.26 -8.79 0.22
N GLY B 88 -3.66 -9.58 1.10
CA GLY B 88 -3.10 -10.86 0.70
C GLY B 88 -1.79 -10.75 -0.03
N LYS B 89 -0.98 -9.75 0.26
CA LYS B 89 0.24 -9.50 -0.48
C LYS B 89 1.43 -9.40 0.47
N LEU B 90 2.54 -10.00 0.03
CA LEU B 90 3.84 -9.89 0.70
C LEU B 90 4.80 -9.30 -0.32
N ILE B 91 5.17 -8.03 -0.14
CA ILE B 91 5.96 -7.30 -1.13
C ILE B 91 7.36 -7.12 -0.60
N ILE B 92 8.35 -7.52 -1.41
CA ILE B 92 9.76 -7.31 -1.13
C ILE B 92 10.24 -6.13 -1.96
N TRP B 93 10.68 -5.09 -1.29
CA TRP B 93 11.07 -3.80 -1.83
C TRP B 93 12.59 -3.66 -1.88
N ASP B 94 13.06 -3.03 -2.94
CA ASP B 94 14.41 -2.46 -2.99
C ASP B 94 14.30 -1.04 -2.44
N SER B 95 14.65 -0.86 -1.18
CA SER B 95 14.40 0.42 -0.51
C SER B 95 15.21 1.56 -1.12
N TYR B 96 16.38 1.25 -1.69
CA TYR B 96 17.21 2.31 -2.26
C TYR B 96 16.54 2.96 -3.47
N THR B 97 15.91 2.15 -4.32
CA THR B 97 15.31 2.63 -5.56
C THR B 97 13.79 2.58 -5.54
N THR B 98 13.19 2.18 -4.41
CA THR B 98 11.75 2.00 -4.27
C THR B 98 11.18 1.01 -5.29
N ASN B 99 12.02 0.13 -5.81
CA ASN B 99 11.57 -0.88 -6.76
C ASN B 99 10.97 -2.07 -6.03
N LYS B 100 9.92 -2.64 -6.60
CA LYS B 100 9.32 -3.86 -6.06
C LYS B 100 10.11 -5.05 -6.58
N VAL B 101 10.94 -5.63 -5.71
CA VAL B 101 11.72 -6.79 -6.12
C VAL B 101 10.82 -8.01 -6.29
N HIS B 102 9.90 -8.21 -5.36
CA HIS B 102 9.02 -9.38 -5.40
C HIS B 102 7.63 -9.02 -4.91
N ALA B 103 6.64 -9.74 -5.41
CA ALA B 103 5.27 -9.66 -4.92
C ALA B 103 4.73 -11.08 -4.79
N ILE B 104 4.45 -11.51 -3.57
CA ILE B 104 4.03 -12.86 -3.26
C ILE B 104 2.55 -12.84 -2.90
N PRO B 105 1.68 -13.49 -3.67
CA PRO B 105 0.29 -13.65 -3.24
C PRO B 105 0.21 -14.69 -2.12
N LEU B 106 -0.57 -14.36 -1.10
CA LEU B 106 -0.70 -15.19 0.08
C LEU B 106 -2.02 -15.96 0.03
N ARG B 107 -1.97 -17.23 0.46
CA ARG B 107 -3.18 -18.04 0.49
C ARG B 107 -4.20 -17.45 1.45
N SER B 108 -3.75 -16.95 2.59
CA SER B 108 -4.60 -16.27 3.56
C SER B 108 -4.23 -14.79 3.55
N SER B 109 -5.23 -13.93 3.33
CA SER B 109 -5.00 -12.49 3.29
C SER B 109 -4.96 -11.86 4.68
N TRP B 110 -5.25 -12.63 5.73
CA TRP B 110 -5.31 -12.10 7.08
C TRP B 110 -3.98 -12.32 7.81
N VAL B 111 -2.94 -11.68 7.28
CA VAL B 111 -1.59 -11.81 7.81
C VAL B 111 -1.32 -10.67 8.78
N MET B 112 -0.71 -11.03 9.92
CA MET B 112 -0.36 -10.06 10.95
C MET B 112 1.14 -9.98 11.18
N THR B 113 1.94 -10.90 10.64
CA THR B 113 3.38 -10.89 10.86
C THR B 113 4.09 -11.30 9.58
N CYS B 114 5.34 -10.86 9.47
CA CYS B 114 6.21 -11.28 8.37
C CYS B 114 7.66 -11.18 8.83
N ALA B 115 8.48 -12.12 8.37
CA ALA B 115 9.87 -12.19 8.75
C ALA B 115 10.75 -12.36 7.52
N TYR B 116 11.93 -11.77 7.55
CA TYR B 116 12.91 -11.87 6.48
C TYR B 116 14.11 -12.64 7.00
N ALA B 117 14.50 -13.70 6.30
CA ALA B 117 15.57 -14.54 6.78
C ALA B 117 16.90 -13.78 6.77
N PRO B 118 17.78 -14.02 7.74
CA PRO B 118 19.08 -13.34 7.73
C PRO B 118 19.90 -13.62 6.49
N SER B 119 19.78 -14.81 5.91
CA SER B 119 20.47 -15.11 4.67
C SER B 119 19.82 -14.46 3.47
N GLY B 120 18.55 -14.07 3.57
CA GLY B 120 17.82 -13.49 2.47
C GLY B 120 17.23 -14.49 1.50
N ASN B 121 17.44 -15.79 1.71
CA ASN B 121 16.94 -16.79 0.80
C ASN B 121 15.48 -17.17 1.07
N TYR B 122 14.95 -16.78 2.22
CA TYR B 122 13.60 -17.17 2.61
C TYR B 122 12.88 -15.97 3.22
N VAL B 123 11.55 -16.01 3.15
CA VAL B 123 10.70 -15.02 3.79
C VAL B 123 9.59 -15.78 4.53
N ALA B 124 9.05 -15.14 5.56
CA ALA B 124 8.02 -15.76 6.37
C ALA B 124 6.81 -14.82 6.48
N CYS B 125 5.66 -15.42 6.72
CA CYS B 125 4.43 -14.68 6.97
C CYS B 125 3.48 -15.58 7.75
N GLY B 126 2.43 -14.97 8.30
CA GLY B 126 1.44 -15.72 9.04
C GLY B 126 0.41 -14.78 9.61
N GLY B 127 -0.67 -15.37 10.11
CA GLY B 127 -1.76 -14.58 10.63
C GLY B 127 -2.91 -15.38 11.21
N LEU B 128 -4.14 -15.00 10.84
CA LEU B 128 -5.34 -15.63 11.39
C LEU B 128 -5.52 -17.07 10.93
N ASP B 129 -4.75 -17.54 9.95
CA ASP B 129 -4.83 -18.93 9.52
C ASP B 129 -4.11 -19.88 10.46
N ASN B 130 -3.42 -19.36 11.48
CA ASN B 130 -2.67 -20.16 12.44
C ASN B 130 -1.56 -20.98 11.79
N ILE B 131 -1.05 -20.52 10.66
CA ILE B 131 -0.02 -21.24 9.91
C ILE B 131 1.07 -20.25 9.54
N CYS B 132 2.32 -20.63 9.76
CA CYS B 132 3.47 -19.83 9.35
C CYS B 132 3.93 -20.32 7.97
N SER B 133 3.71 -19.50 6.96
CA SER B 133 4.10 -19.84 5.60
C SER B 133 5.49 -19.28 5.32
N ILE B 134 6.37 -20.13 4.83
CA ILE B 134 7.76 -19.77 4.52
C ILE B 134 7.96 -19.98 3.03
N TYR B 135 8.34 -18.90 2.35
CA TYR B 135 8.48 -18.85 0.91
C TYR B 135 9.96 -18.76 0.54
N ASN B 136 10.37 -19.56 -0.44
CA ASN B 136 11.74 -19.54 -0.95
C ASN B 136 11.87 -18.45 -2.02
N LEU B 137 12.84 -17.57 -1.84
CA LEU B 137 13.05 -16.48 -2.78
C LEU B 137 14.08 -16.80 -3.85
N LYS B 138 14.90 -17.84 -3.64
CA LYS B 138 15.97 -18.20 -4.56
C LYS B 138 15.67 -19.50 -5.30
N THR B 139 14.43 -19.68 -5.71
CA THR B 139 14.05 -20.87 -6.45
C THR B 139 14.69 -20.87 -7.84
N ARG B 140 15.01 -22.08 -8.32
CA ARG B 140 15.60 -22.21 -9.64
C ARG B 140 14.64 -21.78 -10.75
N GLU B 141 13.34 -22.03 -10.56
CA GLU B 141 12.33 -21.62 -11.54
C GLU B 141 12.20 -20.12 -11.65
N GLY B 142 12.72 -19.36 -10.69
CA GLY B 142 12.71 -17.91 -10.75
C GLY B 142 11.51 -17.24 -10.13
N ASN B 143 10.50 -18.01 -9.71
CA ASN B 143 9.34 -17.46 -9.03
C ASN B 143 9.40 -17.82 -7.55
N VAL B 144 8.81 -16.97 -6.72
CA VAL B 144 8.76 -17.23 -5.29
C VAL B 144 7.65 -18.23 -5.02
N ARG B 145 8.02 -19.40 -4.49
CA ARG B 145 7.08 -20.45 -4.16
C ARG B 145 7.09 -20.70 -2.66
N VAL B 146 5.96 -21.17 -2.14
CA VAL B 146 5.89 -21.51 -0.73
C VAL B 146 6.71 -22.77 -0.49
N SER B 147 7.68 -22.69 0.41
CA SER B 147 8.55 -23.82 0.69
C SER B 147 8.09 -24.62 1.90
N ARG B 148 7.40 -23.98 2.85
CA ARG B 148 6.95 -24.68 4.04
C ARG B 148 5.69 -24.02 4.56
N GLU B 149 4.85 -24.82 5.23
CA GLU B 149 3.65 -24.33 5.90
C GLU B 149 3.63 -24.96 7.29
N LEU B 150 4.25 -24.26 8.25
CA LEU B 150 4.34 -24.75 9.62
C LEU B 150 2.97 -24.58 10.28
N ALA B 151 2.37 -25.70 10.68
CA ALA B 151 1.08 -25.71 11.33
C ALA B 151 1.18 -26.42 12.67
N GLY B 152 0.27 -26.08 13.58
CA GLY B 152 0.29 -26.63 14.91
C GLY B 152 -0.12 -25.63 15.97
N HIS B 153 0.07 -24.34 15.68
CA HIS B 153 -0.44 -23.29 16.54
C HIS B 153 -1.95 -23.24 16.44
N THR B 154 -2.62 -23.14 17.59
CA THR B 154 -4.07 -23.08 17.63
C THR B 154 -4.59 -21.65 17.73
N GLY B 155 -3.70 -20.66 17.63
CA GLY B 155 -4.11 -19.27 17.63
C GLY B 155 -3.46 -18.53 16.47
N TYR B 156 -3.87 -17.27 16.31
CA TYR B 156 -3.35 -16.45 15.22
C TYR B 156 -1.87 -16.20 15.40
N LEU B 157 -1.13 -16.22 14.30
CA LEU B 157 0.30 -15.95 14.31
C LEU B 157 0.52 -14.45 14.44
N SER B 158 1.15 -14.04 15.55
CA SER B 158 1.37 -12.63 15.83
C SER B 158 2.76 -12.15 15.49
N CYS B 159 3.77 -13.01 15.64
CA CYS B 159 5.14 -12.65 15.29
C CYS B 159 5.90 -13.90 14.87
N CYS B 160 6.91 -13.71 14.03
CA CYS B 160 7.79 -14.78 13.61
C CYS B 160 9.16 -14.18 13.30
N ARG B 161 10.21 -14.90 13.66
CA ARG B 161 11.58 -14.41 13.45
C ARG B 161 12.48 -15.57 13.12
N PHE B 162 13.18 -15.47 11.99
CA PHE B 162 14.14 -16.50 11.59
C PHE B 162 15.36 -16.49 12.50
N LEU B 163 15.83 -17.68 12.87
CA LEU B 163 17.15 -17.84 13.45
C LEU B 163 18.17 -18.22 12.40
N ASP B 164 17.80 -19.09 11.49
CA ASP B 164 18.63 -19.51 10.37
C ASP B 164 17.70 -19.85 9.21
N ASP B 165 18.21 -20.56 8.21
CA ASP B 165 17.38 -21.00 7.09
C ASP B 165 16.55 -22.22 7.43
N ASN B 166 16.74 -22.83 8.60
CA ASN B 166 16.05 -24.05 8.96
C ASN B 166 15.23 -23.96 10.25
N GLN B 167 15.40 -22.92 11.06
CA GLN B 167 14.66 -22.80 12.29
C GLN B 167 14.09 -21.38 12.42
N ILE B 168 12.92 -21.29 13.04
CA ILE B 168 12.21 -20.02 13.19
C ILE B 168 11.38 -20.07 14.45
N VAL B 169 11.36 -18.96 15.19
CA VAL B 169 10.54 -18.83 16.39
C VAL B 169 9.30 -18.01 16.02
N THR B 170 8.13 -18.57 16.31
CA THR B 170 6.86 -17.94 15.98
C THR B 170 6.00 -17.85 17.24
N SER B 171 5.41 -16.69 17.46
CA SER B 171 4.48 -16.49 18.55
C SER B 171 3.04 -16.50 18.04
N SER B 172 2.15 -17.04 18.86
CA SER B 172 0.77 -17.25 18.46
C SER B 172 -0.17 -16.69 19.51
N GLY B 173 -1.45 -16.59 19.13
CA GLY B 173 -2.50 -16.17 20.03
C GLY B 173 -2.99 -17.24 20.99
N ASP B 174 -2.43 -18.44 20.91
CA ASP B 174 -2.74 -19.51 21.84
C ASP B 174 -1.86 -19.48 23.09
N THR B 175 -1.30 -18.32 23.42
CA THR B 175 -0.49 -18.09 24.62
C THR B 175 0.80 -18.90 24.63
N THR B 176 1.25 -19.38 23.47
CA THR B 176 2.47 -20.17 23.38
C THR B 176 3.32 -19.68 22.23
N CYS B 177 4.62 -19.94 22.33
CA CYS B 177 5.56 -19.73 21.23
C CYS B 177 6.13 -21.07 20.80
N ALA B 178 6.71 -21.10 19.61
CA ALA B 178 7.24 -22.35 19.08
C ALA B 178 8.47 -22.10 18.23
N LEU B 179 9.53 -22.83 18.52
CA LEU B 179 10.70 -22.91 17.66
C LEU B 179 10.54 -24.13 16.76
N TRP B 180 10.54 -23.91 15.45
CA TRP B 180 10.22 -24.93 14.46
C TRP B 180 11.48 -25.43 13.76
N ASP B 181 11.33 -26.57 13.10
CA ASP B 181 12.32 -27.07 12.15
C ASP B 181 11.66 -27.01 10.78
N ILE B 182 12.17 -26.13 9.92
CA ILE B 182 11.53 -25.88 8.63
C ILE B 182 11.58 -27.12 7.75
N GLU B 183 12.73 -27.82 7.75
CA GLU B 183 12.87 -29.00 6.91
C GLU B 183 11.88 -30.09 7.29
N THR B 184 11.70 -30.32 8.58
CA THR B 184 10.77 -31.36 9.04
C THR B 184 9.35 -30.84 9.21
N GLY B 185 9.17 -29.54 9.44
CA GLY B 185 7.85 -28.98 9.61
C GLY B 185 7.24 -29.17 10.97
N GLN B 186 8.00 -29.61 11.96
CA GLN B 186 7.50 -29.88 13.29
C GLN B 186 8.09 -28.89 14.30
N GLN B 187 7.35 -28.70 15.40
CA GLN B 187 7.80 -27.81 16.47
C GLN B 187 8.95 -28.46 17.22
N THR B 188 10.16 -27.92 17.03
CA THR B 188 11.31 -28.41 17.78
C THR B 188 11.15 -28.15 19.27
N THR B 189 10.65 -26.97 19.64
CA THR B 189 10.49 -26.60 21.03
C THR B 189 9.22 -25.78 21.19
N THR B 190 8.50 -26.01 22.28
CA THR B 190 7.30 -25.25 22.61
C THR B 190 7.51 -24.48 23.91
N PHE B 191 7.22 -23.19 23.88
CA PHE B 191 7.39 -22.30 25.03
C PHE B 191 6.01 -21.92 25.55
N THR B 192 5.68 -22.41 26.74
CA THR B 192 4.39 -22.18 27.37
C THR B 192 4.58 -21.57 28.76
N GLY B 193 3.60 -20.78 29.17
CA GLY B 193 3.68 -20.09 30.44
C GLY B 193 3.03 -18.72 30.43
N HIS B 194 2.92 -18.11 29.25
CA HIS B 194 2.12 -16.89 29.12
C HIS B 194 0.66 -17.22 29.32
N THR B 195 -0.04 -16.42 30.12
CA THR B 195 -1.47 -16.59 30.34
C THR B 195 -2.31 -15.77 29.38
N GLY B 196 -1.68 -14.99 28.50
CA GLY B 196 -2.40 -14.24 27.49
C GLY B 196 -1.77 -14.45 26.12
N ASP B 197 -2.45 -13.94 25.10
CA ASP B 197 -1.96 -14.10 23.73
C ASP B 197 -0.64 -13.37 23.56
N VAL B 198 0.34 -14.07 22.99
CA VAL B 198 1.65 -13.47 22.73
C VAL B 198 1.56 -12.62 21.48
N MET B 199 1.94 -11.35 21.58
CA MET B 199 1.75 -10.40 20.50
C MET B 199 3.01 -10.04 19.75
N SER B 200 4.19 -10.29 20.31
CA SER B 200 5.43 -9.89 19.66
C SER B 200 6.57 -10.80 20.07
N LEU B 201 7.62 -10.78 19.27
CA LEU B 201 8.86 -11.50 19.54
C LEU B 201 10.05 -10.61 19.25
N SER B 202 11.17 -10.91 19.90
CA SER B 202 12.43 -10.27 19.61
C SER B 202 13.54 -11.27 19.84
N LEU B 203 14.46 -11.39 18.90
CA LEU B 203 15.57 -12.32 19.01
C LEU B 203 16.82 -11.59 19.48
N ALA B 204 17.54 -12.21 20.40
CA ALA B 204 18.79 -11.65 20.88
C ALA B 204 19.83 -11.67 19.76
N PRO B 205 20.84 -10.79 19.84
CA PRO B 205 21.87 -10.78 18.79
C PRO B 205 22.55 -12.11 18.59
N ASP B 206 22.77 -12.88 19.66
CA ASP B 206 23.36 -14.21 19.55
C ASP B 206 22.32 -15.28 19.23
N THR B 207 21.03 -14.93 19.20
CA THR B 207 19.94 -15.86 18.89
C THR B 207 19.91 -17.03 19.86
N ARG B 208 20.41 -16.84 21.08
CA ARG B 208 20.32 -17.86 22.12
C ARG B 208 19.16 -17.64 23.08
N LEU B 209 18.63 -16.42 23.14
CA LEU B 209 17.49 -16.09 23.97
C LEU B 209 16.53 -15.23 23.16
N PHE B 210 15.28 -15.20 23.59
CA PHE B 210 14.31 -14.31 22.95
C PHE B 210 13.25 -13.89 23.95
N VAL B 211 12.79 -12.65 23.83
CA VAL B 211 11.76 -12.09 24.70
C VAL B 211 10.44 -12.05 23.95
N SER B 212 9.38 -12.48 24.63
CA SER B 212 8.03 -12.46 24.06
C SER B 212 7.10 -11.75 25.03
N GLY B 213 6.41 -10.71 24.54
CA GLY B 213 5.42 -10.00 25.32
C GLY B 213 4.02 -10.49 24.97
N ALA B 214 3.17 -10.62 25.98
CA ALA B 214 1.86 -11.19 25.78
C ALA B 214 0.78 -10.24 26.31
N CYS B 215 -0.48 -10.64 26.15
CA CYS B 215 -1.60 -9.85 26.61
C CYS B 215 -1.81 -9.91 28.11
N ASP B 216 -1.03 -10.73 28.82
CA ASP B 216 -1.08 -10.77 30.28
C ASP B 216 -0.26 -9.66 30.92
N ALA B 217 0.06 -8.62 30.15
CA ALA B 217 0.87 -7.49 30.61
C ALA B 217 2.24 -7.95 31.09
N SER B 218 2.77 -9.01 30.49
CA SER B 218 4.02 -9.60 30.93
C SER B 218 4.88 -9.97 29.72
N ALA B 219 6.19 -9.81 29.90
CA ALA B 219 7.18 -10.27 28.94
C ALA B 219 7.95 -11.44 29.55
N LYS B 220 8.40 -12.35 28.69
CA LYS B 220 9.12 -13.53 29.14
C LYS B 220 10.40 -13.69 28.34
N LEU B 221 11.51 -13.86 29.04
CA LEU B 221 12.80 -14.20 28.45
C LEU B 221 12.93 -15.70 28.42
N TRP B 222 13.02 -16.25 27.19
CA TRP B 222 13.04 -17.67 26.91
C TRP B 222 14.40 -18.08 26.37
N ASP B 223 14.85 -19.27 26.77
CA ASP B 223 16.05 -19.87 26.20
C ASP B 223 15.67 -20.70 24.97
N VAL B 224 16.31 -20.41 23.85
CA VAL B 224 15.97 -21.09 22.61
C VAL B 224 16.37 -22.56 22.67
N ARG B 225 17.61 -22.82 23.11
CA ARG B 225 18.10 -24.19 23.13
C ARG B 225 17.57 -24.98 24.32
N GLU B 226 17.66 -24.39 25.52
CA GLU B 226 17.19 -25.09 26.72
C GLU B 226 15.67 -25.26 26.70
N GLY B 227 14.93 -24.20 26.35
CA GLY B 227 13.50 -24.32 26.13
C GLY B 227 12.62 -23.97 27.31
N MET B 228 13.15 -23.36 28.37
CA MET B 228 12.33 -22.96 29.50
C MET B 228 12.39 -21.45 29.67
N CYS B 229 11.40 -20.91 30.38
CA CYS B 229 11.30 -19.48 30.61
C CYS B 229 12.40 -19.05 31.58
N ARG B 230 13.43 -18.39 31.06
CA ARG B 230 14.52 -17.94 31.92
C ARG B 230 14.06 -16.87 32.89
N GLN B 231 13.33 -15.88 32.39
CA GLN B 231 12.92 -14.75 33.25
C GLN B 231 11.53 -14.27 32.89
N THR B 232 10.90 -13.59 33.83
CA THR B 232 9.58 -12.98 33.63
C THR B 232 9.63 -11.54 34.11
N PHE B 233 9.12 -10.63 33.28
CA PHE B 233 9.13 -9.20 33.55
C PHE B 233 7.71 -8.67 33.52
N THR B 234 7.36 -7.87 34.52
CA THR B 234 6.04 -7.26 34.62
C THR B 234 6.21 -5.77 34.87
N GLY B 235 5.09 -5.05 34.83
CA GLY B 235 5.09 -3.61 35.05
C GLY B 235 4.13 -2.87 34.15
N HIS B 236 3.84 -3.43 32.97
CA HIS B 236 2.87 -2.82 32.08
C HIS B 236 1.46 -3.00 32.62
N GLU B 237 0.62 -2.00 32.39
CA GLU B 237 -0.75 -2.01 32.89
C GLU B 237 -1.76 -2.57 31.89
N SER B 238 -1.32 -2.92 30.68
CA SER B 238 -2.25 -3.44 29.68
C SER B 238 -1.48 -4.39 28.75
N ASP B 239 -2.09 -4.72 27.62
CA ASP B 239 -1.53 -5.70 26.71
C ASP B 239 -0.25 -5.19 26.09
N ILE B 240 0.78 -6.04 26.08
CA ILE B 240 2.06 -5.70 25.45
C ILE B 240 1.99 -6.12 23.98
N ASN B 241 2.11 -5.14 23.08
CA ASN B 241 1.96 -5.40 21.65
C ASN B 241 3.29 -5.48 20.92
N ALA B 242 4.34 -4.85 21.44
CA ALA B 242 5.63 -4.79 20.78
C ALA B 242 6.74 -5.07 21.77
N ILE B 243 7.85 -5.59 21.24
CA ILE B 243 9.02 -5.91 22.05
C ILE B 243 10.25 -5.84 21.15
N CYS B 244 11.39 -5.49 21.74
CA CYS B 244 12.62 -5.34 20.96
C CYS B 244 13.81 -5.38 21.91
N PHE B 245 14.79 -6.25 21.60
CA PHE B 245 16.03 -6.27 22.36
C PHE B 245 16.83 -5.00 22.14
N PHE B 246 17.53 -4.57 23.19
CA PHE B 246 18.56 -3.57 23.04
C PHE B 246 19.72 -4.13 22.22
N PRO B 247 20.41 -3.29 21.46
CA PRO B 247 21.53 -3.81 20.64
C PRO B 247 22.59 -4.54 21.45
N ASN B 248 22.83 -4.12 22.70
CA ASN B 248 23.77 -4.82 23.55
C ASN B 248 23.32 -6.24 23.87
N GLY B 249 22.02 -6.51 23.83
CA GLY B 249 21.49 -7.82 24.15
C GLY B 249 21.21 -8.06 25.62
N ASN B 250 21.53 -7.11 26.49
CA ASN B 250 21.30 -7.24 27.92
C ASN B 250 20.07 -6.49 28.38
N ALA B 251 19.25 -5.97 27.46
CA ALA B 251 18.07 -5.21 27.80
C ALA B 251 17.08 -5.30 26.64
N PHE B 252 15.84 -4.93 26.92
CA PHE B 252 14.81 -4.93 25.88
C PHE B 252 13.72 -3.94 26.24
N ALA B 253 13.06 -3.41 25.22
CA ALA B 253 11.98 -2.44 25.39
C ALA B 253 10.65 -3.07 25.00
N THR B 254 9.59 -2.72 25.73
CA THR B 254 8.25 -3.22 25.49
C THR B 254 7.31 -2.05 25.31
N GLY B 255 6.50 -2.11 24.26
CA GLY B 255 5.41 -1.17 24.04
C GLY B 255 4.09 -1.87 24.32
N SER B 256 3.20 -1.20 25.04
CA SER B 256 1.96 -1.81 25.50
C SER B 256 0.76 -1.01 25.01
N ASP B 257 -0.43 -1.56 25.28
CA ASP B 257 -1.66 -0.88 24.90
C ASP B 257 -1.87 0.41 25.65
N ASP B 258 -1.19 0.61 26.78
CA ASP B 258 -1.18 1.90 27.43
C ASP B 258 -0.22 2.83 26.71
N ALA B 259 -0.06 4.05 27.23
CA ALA B 259 0.78 5.05 26.59
C ALA B 259 2.23 4.99 27.05
N THR B 260 2.69 3.85 27.55
CA THR B 260 4.02 3.73 28.13
C THR B 260 4.84 2.68 27.40
N CYS B 261 6.07 3.04 27.06
CA CYS B 261 7.11 2.05 26.77
C CYS B 261 7.91 1.81 28.04
N ARG B 262 8.44 0.60 28.17
CA ARG B 262 9.22 0.27 29.36
C ARG B 262 10.47 -0.49 28.97
N LEU B 263 11.59 -0.10 29.58
CA LEU B 263 12.88 -0.72 29.32
C LEU B 263 13.23 -1.63 30.49
N PHE B 264 13.48 -2.90 30.19
CA PHE B 264 13.85 -3.90 31.20
C PHE B 264 15.27 -4.37 30.93
N ASP B 265 15.99 -4.66 32.02
CA ASP B 265 17.36 -5.15 31.94
C ASP B 265 17.38 -6.63 32.27
N LEU B 266 18.05 -7.42 31.43
CA LEU B 266 18.11 -8.87 31.65
C LEU B 266 18.87 -9.20 32.92
N ARG B 267 20.06 -8.61 33.09
CA ARG B 267 20.90 -8.94 34.24
C ARG B 267 20.30 -8.40 35.54
N ALA B 268 19.72 -7.20 35.49
CA ALA B 268 19.08 -6.63 36.67
C ALA B 268 17.70 -7.23 36.92
N ASP B 269 17.09 -7.84 35.91
CA ASP B 269 15.76 -8.44 36.03
C ASP B 269 14.73 -7.43 36.54
N GLN B 270 14.82 -6.21 36.04
CA GLN B 270 13.98 -5.12 36.52
C GLN B 270 13.72 -4.14 35.39
N GLU B 271 12.64 -3.38 35.56
CA GLU B 271 12.34 -2.29 34.64
C GLU B 271 13.26 -1.11 34.92
N LEU B 272 13.89 -0.58 33.87
CA LEU B 272 14.86 0.51 34.02
C LEU B 272 14.19 1.87 33.92
N MET B 273 13.52 2.15 32.82
CA MET B 273 12.88 3.44 32.60
C MET B 273 11.53 3.26 31.93
N THR B 274 10.67 4.26 32.10
CA THR B 274 9.37 4.31 31.46
C THR B 274 9.32 5.55 30.57
N TYR B 275 8.98 5.34 29.29
CA TYR B 275 8.87 6.41 28.30
C TYR B 275 7.39 6.66 28.06
N SER B 276 6.91 7.81 28.54
CA SER B 276 5.50 8.15 28.42
C SER B 276 5.35 9.66 28.51
N HIS B 277 4.19 10.14 28.08
CA HIS B 277 3.85 11.55 28.17
C HIS B 277 2.35 11.68 28.41
N ASP B 278 1.97 12.77 29.09
CA ASP B 278 0.56 13.01 29.38
C ASP B 278 -0.23 13.27 28.10
N ASN B 279 0.39 13.88 27.10
CA ASN B 279 -0.29 14.13 25.84
C ASN B 279 -0.55 12.85 25.05
N ILE B 280 0.19 11.78 25.36
CA ILE B 280 0.01 10.50 24.69
C ILE B 280 -0.95 9.66 25.51
N ILE B 281 -2.03 9.19 24.87
CA ILE B 281 -3.02 8.34 25.52
C ILE B 281 -3.35 7.09 24.73
N CYS B 282 -2.92 6.99 23.48
CA CYS B 282 -3.22 5.85 22.64
C CYS B 282 -2.22 4.72 22.89
N GLY B 283 -2.49 3.58 22.26
CA GLY B 283 -1.65 2.41 22.42
C GLY B 283 -0.40 2.46 21.57
N ILE B 284 0.45 1.45 21.78
CA ILE B 284 1.73 1.34 21.09
C ILE B 284 1.74 0.03 20.32
N THR B 285 2.04 0.11 19.02
CA THR B 285 2.01 -1.04 18.13
C THR B 285 3.38 -1.62 17.85
N SER B 286 4.39 -0.77 17.65
CA SER B 286 5.71 -1.22 17.28
C SER B 286 6.75 -0.47 18.10
N VAL B 287 7.92 -1.09 18.26
CA VAL B 287 9.01 -0.49 19.01
C VAL B 287 10.33 -1.05 18.47
N SER B 288 11.36 -0.21 18.43
CA SER B 288 12.67 -0.64 17.97
C SER B 288 13.72 0.33 18.48
N PHE B 289 14.97 -0.13 18.47
CA PHE B 289 16.12 0.66 18.89
C PHE B 289 16.93 1.09 17.68
N SER B 290 17.74 2.13 17.87
CA SER B 290 18.71 2.52 16.87
C SER B 290 19.91 1.57 16.91
N LYS B 291 20.91 1.84 16.07
CA LYS B 291 22.08 0.97 16.03
C LYS B 291 22.83 1.00 17.36
N SER B 292 22.99 2.19 17.95
CA SER B 292 23.62 2.31 19.26
C SER B 292 22.66 2.05 20.40
N GLY B 293 21.35 2.04 20.14
CA GLY B 293 20.36 1.87 21.18
C GLY B 293 20.01 3.14 21.94
N ARG B 294 20.65 4.27 21.61
CA ARG B 294 20.34 5.51 22.31
C ARG B 294 18.94 6.01 22.01
N LEU B 295 18.46 5.80 20.79
CA LEU B 295 17.13 6.24 20.39
C LEU B 295 16.19 5.06 20.36
N LEU B 296 15.02 5.22 20.98
CA LEU B 296 13.96 4.21 20.98
C LEU B 296 12.80 4.73 20.13
N LEU B 297 12.52 4.06 19.03
CA LEU B 297 11.47 4.46 18.11
C LEU B 297 10.24 3.60 18.37
N ALA B 298 9.11 4.24 18.64
CA ALA B 298 7.87 3.54 18.96
C ALA B 298 6.74 4.06 18.08
N GLY B 299 6.00 3.15 17.47
CA GLY B 299 4.83 3.52 16.69
C GLY B 299 3.57 3.49 17.56
N TYR B 300 2.71 4.49 17.35
CA TYR B 300 1.55 4.69 18.19
C TYR B 300 0.28 4.67 17.34
N ASP B 301 -0.86 4.55 18.03
CA ASP B 301 -2.15 4.57 17.34
C ASP B 301 -2.54 5.97 16.89
N ASP B 302 -1.87 7.01 17.39
CA ASP B 302 -2.19 8.38 17.06
C ASP B 302 -1.62 8.82 15.72
N PHE B 303 -1.26 7.86 14.87
CA PHE B 303 -0.77 8.01 13.50
C PHE B 303 0.68 8.48 13.46
N ASN B 304 1.32 8.68 14.62
CA ASN B 304 2.66 9.23 14.69
C ASN B 304 3.61 8.22 15.31
N CYS B 305 4.90 8.44 15.08
CA CYS B 305 5.98 7.71 15.72
C CYS B 305 6.73 8.63 16.67
N ASN B 306 7.18 8.10 17.79
CA ASN B 306 7.92 8.89 18.77
C ASN B 306 9.31 8.30 18.95
N VAL B 307 10.33 9.15 18.88
CA VAL B 307 11.71 8.77 19.13
C VAL B 307 12.08 9.33 20.50
N TRP B 308 12.33 8.42 21.44
CA TRP B 308 12.68 8.76 22.81
C TRP B 308 14.16 8.59 23.03
N ASP B 309 14.71 9.39 23.95
CA ASP B 309 16.07 9.16 24.44
C ASP B 309 16.03 7.99 25.41
N ALA B 310 16.58 6.85 24.98
CA ALA B 310 16.49 5.63 25.78
C ALA B 310 17.19 5.76 27.12
N LEU B 311 18.09 6.71 27.27
CA LEU B 311 18.81 6.91 28.54
C LEU B 311 18.20 7.99 29.42
N LYS B 312 17.44 8.93 28.84
CA LYS B 312 16.88 10.04 29.60
C LYS B 312 15.36 10.11 29.53
N ALA B 313 14.71 9.22 28.77
CA ALA B 313 13.26 9.17 28.59
C ALA B 313 12.68 10.44 27.96
N ASP B 314 13.53 11.35 27.51
CA ASP B 314 13.03 12.54 26.82
C ASP B 314 12.59 12.19 25.41
N ARG B 315 11.48 12.77 24.99
CA ARG B 315 10.98 12.56 23.63
C ARG B 315 11.87 13.34 22.67
N ALA B 316 12.85 12.64 22.09
CA ALA B 316 13.82 13.31 21.23
C ALA B 316 13.15 13.90 19.99
N GLY B 317 12.22 13.18 19.39
CA GLY B 317 11.59 13.68 18.17
C GLY B 317 10.33 12.93 17.84
N VAL B 318 9.69 13.38 16.77
CA VAL B 318 8.45 12.78 16.29
C VAL B 318 8.56 12.55 14.79
N LEU B 319 8.17 11.36 14.35
CA LEU B 319 8.07 11.01 12.94
C LEU B 319 6.61 11.05 12.56
N ALA B 320 6.20 12.12 11.87
CA ALA B 320 4.82 12.32 11.46
C ALA B 320 4.74 12.36 9.94
N GLY B 321 3.60 11.91 9.42
CA GLY B 321 3.42 11.83 7.98
C GLY B 321 2.61 10.62 7.54
N HIS B 322 2.21 9.79 8.49
CA HIS B 322 1.34 8.66 8.22
C HIS B 322 -0.11 9.05 8.51
N ASP B 323 -1.00 8.79 7.56
CA ASP B 323 -2.39 9.20 7.68
C ASP B 323 -3.23 8.23 8.51
N ASN B 324 -2.67 7.10 8.93
CA ASN B 324 -3.38 6.14 9.75
C ASN B 324 -2.43 5.57 10.79
N ARG B 325 -2.91 4.59 11.54
CA ARG B 325 -2.14 4.02 12.65
C ARG B 325 -0.85 3.39 12.15
N VAL B 326 0.26 3.72 12.80
CA VAL B 326 1.56 3.14 12.48
C VAL B 326 1.58 1.73 13.07
N SER B 327 1.59 0.72 12.20
CA SER B 327 1.45 -0.67 12.64
C SER B 327 2.79 -1.35 12.86
N CYS B 328 3.77 -1.11 12.00
CA CYS B 328 5.05 -1.80 12.08
C CYS B 328 6.18 -0.79 11.96
N LEU B 329 7.29 -1.08 12.63
CA LEU B 329 8.45 -0.21 12.64
C LEU B 329 9.71 -1.07 12.66
N GLY B 330 10.71 -0.66 11.89
CA GLY B 330 11.95 -1.41 11.82
C GLY B 330 13.13 -0.49 11.59
N VAL B 331 14.30 -0.92 12.04
CA VAL B 331 15.54 -0.19 11.87
C VAL B 331 16.55 -1.11 11.18
N THR B 332 17.26 -0.57 10.19
CA THR B 332 18.23 -1.35 9.44
C THR B 332 19.36 -1.82 10.34
N ASP B 333 20.02 -2.90 9.92
CA ASP B 333 21.12 -3.45 10.70
C ASP B 333 22.28 -2.47 10.83
N ASP B 334 22.45 -1.58 9.85
CA ASP B 334 23.47 -0.55 9.93
C ASP B 334 22.94 0.75 10.52
N GLY B 335 21.68 0.78 10.95
CA GLY B 335 21.12 1.98 11.53
C GLY B 335 20.97 3.13 10.59
N MET B 336 20.96 2.88 9.28
CA MET B 336 20.95 3.96 8.30
C MET B 336 19.59 4.64 8.22
N ALA B 337 18.50 3.88 8.29
CA ALA B 337 17.18 4.45 8.12
C ALA B 337 16.17 3.66 8.94
N VAL B 338 14.99 4.24 9.11
CA VAL B 338 13.90 3.63 9.85
C VAL B 338 12.70 3.49 8.93
N ALA B 339 12.19 2.28 8.81
CA ALA B 339 10.99 2.01 8.02
C ALA B 339 9.78 1.99 8.95
N THR B 340 8.72 2.70 8.55
CA THR B 340 7.46 2.70 9.28
C THR B 340 6.35 2.34 8.31
N GLY B 341 5.64 1.25 8.60
CA GLY B 341 4.48 0.86 7.83
C GLY B 341 3.22 1.11 8.63
N SER B 342 2.26 1.77 8.01
CA SER B 342 1.04 2.21 8.68
C SER B 342 -0.18 1.59 8.01
N TRP B 343 -1.33 1.78 8.65
CA TRP B 343 -2.59 1.29 8.13
C TRP B 343 -3.07 2.05 6.90
N ASP B 344 -2.42 3.17 6.57
CA ASP B 344 -2.76 3.94 5.39
C ASP B 344 -2.22 3.33 4.10
N SER B 345 -1.66 2.11 4.17
CA SER B 345 -1.18 1.35 3.01
C SER B 345 0.06 1.97 2.39
N PHE B 346 0.96 2.51 3.20
CA PHE B 346 2.22 3.06 2.72
C PHE B 346 3.33 2.77 3.71
N LEU B 347 4.51 2.49 3.18
CA LEU B 347 5.73 2.42 3.97
C LEU B 347 6.53 3.70 3.76
N LYS B 348 7.04 4.26 4.84
CA LYS B 348 7.86 5.46 4.77
C LYS B 348 9.22 5.19 5.39
N ILE B 349 10.28 5.51 4.67
CA ILE B 349 11.65 5.38 5.15
C ILE B 349 12.12 6.75 5.60
N TRP B 350 12.72 6.80 6.78
CA TRP B 350 13.14 8.05 7.42
C TRP B 350 14.63 8.02 7.67
N ASN B 351 15.30 9.14 7.42
CA ASN B 351 16.74 9.24 7.60
C ASN B 351 17.13 10.64 8.08
N ALA C 7 -5.75 -31.31 37.47
CA ALA C 7 -5.43 -30.30 36.47
C ALA C 7 -4.94 -29.02 37.13
N SER C 8 -5.75 -28.48 38.05
CA SER C 8 -5.37 -27.27 38.76
C SER C 8 -4.14 -27.49 39.63
N ILE C 9 -4.05 -28.65 40.28
CA ILE C 9 -2.91 -28.94 41.14
C ILE C 9 -1.62 -29.00 40.32
N ALA C 10 -1.67 -29.64 39.16
CA ALA C 10 -0.48 -29.73 38.32
C ALA C 10 -0.05 -28.36 37.82
N GLN C 11 -1.01 -27.52 37.40
CA GLN C 11 -0.68 -26.18 36.95
C GLN C 11 -0.09 -25.35 38.07
N ALA C 12 -0.65 -25.46 39.28
CA ALA C 12 -0.11 -24.71 40.42
C ALA C 12 1.30 -25.18 40.75
N ARG C 13 1.54 -26.49 40.71
CA ARG C 13 2.88 -27.01 40.97
C ARG C 13 3.88 -26.52 39.92
N LYS C 14 3.46 -26.52 38.65
CA LYS C 14 4.34 -26.02 37.60
C LYS C 14 4.65 -24.54 37.78
N LEU C 15 3.63 -23.75 38.16
CA LEU C 15 3.87 -22.33 38.42
C LEU C 15 4.81 -22.12 39.59
N VAL C 16 4.65 -22.91 40.65
CA VAL C 16 5.53 -22.82 41.81
C VAL C 16 6.96 -23.17 41.41
N GLU C 17 7.14 -24.23 40.62
CA GLU C 17 8.47 -24.61 40.18
C GLU C 17 9.09 -23.53 39.31
N GLN C 18 8.31 -22.92 38.41
CA GLN C 18 8.82 -21.85 37.57
C GLN C 18 9.22 -20.64 38.41
N LEU C 19 8.41 -20.28 39.41
CA LEU C 19 8.75 -19.17 40.29
C LEU C 19 10.02 -19.46 41.08
N LYS C 20 10.17 -20.69 41.56
CA LYS C 20 11.38 -21.06 42.29
C LYS C 20 12.61 -20.99 41.39
N MET C 21 12.48 -21.45 40.14
CA MET C 21 13.59 -21.38 39.20
C MET C 21 13.96 -19.94 38.88
N GLU C 22 12.96 -19.07 38.74
CA GLU C 22 13.23 -17.66 38.43
C GLU C 22 13.71 -16.88 39.65
N ALA C 23 13.47 -17.39 40.86
CA ALA C 23 13.80 -16.65 42.07
C ALA C 23 15.29 -16.70 42.38
N ASN C 24 15.95 -17.82 42.10
CA ASN C 24 17.32 -18.04 42.52
C ASN C 24 18.36 -17.53 41.53
N ILE C 25 17.93 -16.86 40.46
CA ILE C 25 18.87 -16.31 39.50
C ILE C 25 19.70 -15.21 40.15
N ASP C 26 20.92 -15.01 39.63
CA ASP C 26 21.81 -14.00 40.14
C ASP C 26 21.50 -12.67 39.47
N ARG C 27 21.23 -11.65 40.28
CA ARG C 27 20.87 -10.32 39.79
C ARG C 27 21.96 -9.33 40.15
N ILE C 28 22.35 -8.51 39.20
CA ILE C 28 23.31 -7.44 39.45
C ILE C 28 22.56 -6.19 39.87
N LYS C 29 23.29 -5.24 40.44
CA LYS C 29 22.69 -3.98 40.86
C LYS C 29 22.21 -3.20 39.65
N VAL C 30 21.11 -2.47 39.86
CA VAL C 30 20.55 -1.65 38.77
C VAL C 30 21.55 -0.58 38.34
N SER C 31 22.33 -0.06 39.28
CA SER C 31 23.33 0.95 38.93
C SER C 31 24.36 0.38 37.96
N LYS C 32 24.83 -0.85 38.20
CA LYS C 32 25.81 -1.45 37.31
C LYS C 32 25.23 -1.70 35.93
N ALA C 33 24.00 -2.20 35.85
CA ALA C 33 23.36 -2.44 34.56
C ALA C 33 23.16 -1.13 33.80
N ALA C 34 22.74 -0.08 34.51
CA ALA C 34 22.56 1.23 33.89
C ALA C 34 23.89 1.78 33.38
N ALA C 35 24.96 1.60 34.18
CA ALA C 35 26.27 2.06 33.75
C ALA C 35 26.74 1.32 32.50
N ASP C 36 26.51 0.01 32.46
CA ASP C 36 26.88 -0.76 31.26
C ASP C 36 26.07 -0.30 30.05
N LEU C 37 24.77 -0.03 30.25
CA LEU C 37 23.92 0.42 29.16
C LEU C 37 24.40 1.76 28.62
N MET C 38 24.71 2.70 29.53
CA MET C 38 25.21 4.01 29.13
C MET C 38 26.57 3.90 28.45
N ALA C 39 27.43 3.00 28.94
CA ALA C 39 28.74 2.81 28.32
C ALA C 39 28.59 2.27 26.90
N TYR C 40 27.68 1.32 26.69
CA TYR C 40 27.44 0.81 25.34
C TYR C 40 26.93 1.91 24.43
N CYS C 41 25.99 2.72 24.94
CA CYS C 41 25.46 3.82 24.12
C CYS C 41 26.56 4.81 23.77
N GLU C 42 27.41 5.17 24.73
CA GLU C 42 28.49 6.11 24.45
C GLU C 42 29.50 5.54 23.47
N ALA C 43 29.81 4.24 23.59
CA ALA C 43 30.77 3.62 22.69
C ALA C 43 30.24 3.56 21.26
N HIS C 44 28.96 3.27 21.09
CA HIS C 44 28.39 3.08 19.76
C HIS C 44 27.69 4.31 19.22
N ALA C 45 27.73 5.44 19.94
CA ALA C 45 27.11 6.67 19.43
C ALA C 45 27.76 7.14 18.13
N LYS C 46 29.09 7.04 18.05
CA LYS C 46 29.79 7.51 16.87
C LYS C 46 29.45 6.70 15.62
N GLU C 47 28.88 5.51 15.78
CA GLU C 47 28.51 4.66 14.66
C GLU C 47 27.00 4.57 14.48
N ASP C 48 26.25 5.56 14.97
CA ASP C 48 24.80 5.56 14.87
C ASP C 48 24.35 6.62 13.87
N PRO C 49 23.97 6.24 12.65
CA PRO C 49 23.52 7.25 11.68
C PRO C 49 22.27 8.00 12.12
N LEU C 50 21.38 7.37 12.89
CA LEU C 50 20.18 8.05 13.34
C LEU C 50 20.50 9.11 14.39
N LEU C 51 21.43 8.82 15.29
CA LEU C 51 21.79 9.78 16.34
C LEU C 51 22.47 11.01 15.74
N THR C 52 23.48 10.79 14.91
CA THR C 52 24.19 11.88 14.24
C THR C 52 23.90 11.83 12.76
N PRO C 53 23.23 12.85 12.20
CA PRO C 53 22.86 12.79 10.78
C PRO C 53 24.08 12.62 9.88
N VAL C 54 23.91 11.81 8.84
CA VAL C 54 25.00 11.44 7.93
C VAL C 54 24.94 12.37 6.72
N PRO C 55 26.09 12.88 6.25
CA PRO C 55 26.08 13.72 5.05
C PRO C 55 25.58 12.96 3.83
N ALA C 56 25.04 13.71 2.87
CA ALA C 56 24.43 13.11 1.70
C ALA C 56 25.41 12.26 0.89
N SER C 57 26.71 12.49 1.03
CA SER C 57 27.69 11.68 0.32
C SER C 57 27.63 10.23 0.78
N GLU C 58 27.48 10.00 2.09
CA GLU C 58 27.42 8.67 2.66
C GLU C 58 25.99 8.23 2.98
N ASN C 59 24.99 8.96 2.49
CA ASN C 59 23.60 8.63 2.75
C ASN C 59 23.02 7.94 1.53
N PRO C 60 22.71 6.64 1.60
CA PRO C 60 22.17 5.93 0.43
C PRO C 60 20.71 6.22 0.13
N PHE C 61 20.03 7.00 0.97
CA PHE C 61 18.62 7.31 0.79
C PHE C 61 18.39 8.74 0.31
N ARG C 62 19.43 9.38 -0.23
CA ARG C 62 19.30 10.74 -0.73
C ARG C 62 18.82 10.75 -2.17
N SER D 178 -27.41 56.02 -21.34
CA SER D 178 -25.97 55.86 -21.26
C SER D 178 -25.58 55.01 -20.06
N GLN D 179 -25.30 55.66 -18.92
CA GLN D 179 -24.94 54.96 -17.69
C GLN D 179 -25.57 55.69 -16.51
N ASN D 180 -25.79 54.94 -15.44
CA ASN D 180 -26.33 55.50 -14.21
C ASN D 180 -25.31 55.67 -13.10
N LEU D 181 -24.15 55.02 -13.21
CA LEU D 181 -23.04 55.07 -12.27
C LEU D 181 -23.39 54.47 -10.91
N LEU D 182 -24.58 53.90 -10.74
CA LEU D 182 -24.98 53.31 -9.48
C LEU D 182 -24.76 51.80 -9.44
N ILE D 183 -24.91 51.13 -10.59
CA ILE D 183 -24.79 49.68 -10.66
C ILE D 183 -23.35 49.30 -10.95
N THR D 184 -22.82 49.75 -12.09
CA THR D 184 -21.51 49.32 -12.55
C THR D 184 -20.36 49.85 -11.70
N GLN D 185 -20.59 50.87 -10.86
CA GLN D 185 -19.51 51.46 -10.08
C GLN D 185 -19.74 51.43 -8.58
N GLN D 186 -20.95 51.18 -8.10
CA GLN D 186 -21.21 51.12 -6.66
C GLN D 186 -21.68 49.77 -6.19
N ILE D 187 -22.74 49.22 -6.79
CA ILE D 187 -23.29 47.95 -6.31
C ILE D 187 -22.44 46.78 -6.78
N ILE D 188 -22.07 46.78 -8.07
CA ILE D 188 -21.26 45.68 -8.61
C ILE D 188 -19.91 45.56 -7.90
N PRO D 189 -19.13 46.64 -7.74
CA PRO D 189 -17.85 46.47 -7.03
C PRO D 189 -18.00 46.01 -5.59
N VAL D 190 -19.00 46.50 -4.86
CA VAL D 190 -19.13 46.12 -3.46
C VAL D 190 -19.59 44.66 -3.35
N LEU D 191 -20.49 44.23 -4.23
CA LEU D 191 -20.90 42.83 -4.22
C LEU D 191 -19.75 41.91 -4.61
N TYR D 192 -18.94 42.32 -5.59
CA TYR D 192 -17.78 41.53 -5.97
C TYR D 192 -16.76 41.46 -4.84
N CYS D 193 -16.57 42.56 -4.11
CA CYS D 193 -15.68 42.53 -2.95
C CYS D 193 -16.23 41.58 -1.88
N MET D 194 -17.54 41.63 -1.64
CA MET D 194 -18.15 40.77 -0.63
C MET D 194 -18.00 39.31 -0.99
N VAL D 195 -18.17 38.96 -2.26
CA VAL D 195 -17.99 37.57 -2.64
C VAL D 195 -16.51 37.19 -2.65
N PHE D 196 -15.62 38.13 -3.00
CA PHE D 196 -14.20 37.81 -3.10
C PHE D 196 -13.58 37.56 -1.73
N ILE D 197 -13.93 38.37 -0.74
CA ILE D 197 -13.31 38.26 0.57
C ILE D 197 -13.56 36.89 1.21
N ALA D 198 -14.62 36.21 0.78
CA ALA D 198 -14.89 34.84 1.21
C ALA D 198 -14.35 33.80 0.23
N GLY D 199 -14.45 34.07 -1.07
CA GLY D 199 -14.00 33.09 -2.05
C GLY D 199 -12.51 32.86 -2.02
N ILE D 200 -11.73 33.92 -1.87
CA ILE D 200 -10.28 33.75 -1.83
C ILE D 200 -9.86 32.92 -0.62
N LEU D 201 -10.47 33.20 0.54
CA LEU D 201 -10.14 32.44 1.75
C LEU D 201 -10.56 30.99 1.62
N LEU D 202 -11.77 30.74 1.11
CA LEU D 202 -12.25 29.37 0.98
C LEU D 202 -11.38 28.59 0.00
N ASN D 203 -11.03 29.21 -1.14
CA ASN D 203 -10.18 28.51 -2.11
C ASN D 203 -8.78 28.29 -1.57
N GLY D 204 -8.25 29.25 -0.81
CA GLY D 204 -6.93 29.05 -0.22
C GLY D 204 -6.90 27.90 0.76
N VAL D 205 -7.88 27.85 1.66
CA VAL D 205 -7.91 26.77 2.65
C VAL D 205 -8.18 25.43 1.97
N SER D 206 -9.03 25.42 0.94
CA SER D 206 -9.30 24.18 0.21
C SER D 206 -8.04 23.68 -0.51
N GLY D 207 -7.29 24.59 -1.14
CA GLY D 207 -6.06 24.19 -1.79
C GLY D 207 -5.00 23.73 -0.80
N TRP D 208 -4.94 24.38 0.37
CA TRP D 208 -4.00 23.95 1.40
C TRP D 208 -4.34 22.55 1.90
N ILE D 209 -5.62 22.26 2.09
CA ILE D 209 -6.03 20.94 2.56
C ILE D 209 -5.82 19.89 1.48
N PHE D 210 -6.19 20.20 0.24
CA PHE D 210 -6.11 19.24 -0.85
C PHE D 210 -4.68 18.86 -1.21
N PHE D 211 -3.69 19.61 -0.74
CA PHE D 211 -2.29 19.25 -1.01
C PHE D 211 -1.94 17.90 -0.39
N TYR D 212 -2.56 17.57 0.74
CA TYR D 212 -2.34 16.28 1.40
C TYR D 212 -3.39 15.24 1.04
N VAL D 213 -4.43 15.62 0.31
CA VAL D 213 -5.49 14.66 -0.03
C VAL D 213 -4.98 13.76 -1.15
N PRO D 214 -4.99 12.43 -0.96
CA PRO D 214 -4.57 11.54 -2.05
C PRO D 214 -5.55 11.55 -3.20
N SER D 215 -5.02 11.45 -4.41
CA SER D 215 -5.84 11.43 -5.62
C SER D 215 -6.07 9.99 -6.08
N SER D 216 -6.77 9.24 -5.22
CA SER D 216 -7.03 7.83 -5.48
C SER D 216 -8.17 7.59 -6.46
N LYS D 217 -8.98 8.61 -6.75
CA LYS D 217 -10.12 8.47 -7.63
C LYS D 217 -10.23 9.69 -8.53
N SER D 218 -10.96 9.53 -9.64
CA SER D 218 -11.16 10.64 -10.56
C SER D 218 -11.91 11.79 -9.92
N PHE D 219 -12.77 11.48 -8.93
CA PHE D 219 -13.51 12.52 -8.23
C PHE D 219 -12.56 13.47 -7.52
N ILE D 220 -11.53 12.94 -6.87
CA ILE D 220 -10.56 13.79 -6.17
C ILE D 220 -9.80 14.66 -7.17
N ILE D 221 -9.43 14.10 -8.33
CA ILE D 221 -8.71 14.86 -9.34
C ILE D 221 -9.58 16.00 -9.86
N TYR D 222 -10.86 15.72 -10.11
CA TYR D 222 -11.76 16.78 -10.57
C TYR D 222 -11.94 17.85 -9.49
N LEU D 223 -12.03 17.43 -8.22
CA LEU D 223 -12.14 18.40 -7.14
C LEU D 223 -10.90 19.29 -7.06
N LYS D 224 -9.72 18.69 -7.23
CA LYS D 224 -8.48 19.49 -7.20
C LYS D 224 -8.42 20.47 -8.37
N ASN D 225 -8.85 20.02 -9.55
CA ASN D 225 -8.89 20.93 -10.70
C ASN D 225 -9.86 22.08 -10.46
N ILE D 226 -11.03 21.78 -9.86
CA ILE D 226 -11.98 22.83 -9.54
C ILE D 226 -11.40 23.77 -8.49
N VAL D 227 -10.64 23.23 -7.54
CA VAL D 227 -9.97 24.07 -6.54
C VAL D 227 -9.02 25.04 -7.21
N ILE D 228 -8.22 24.54 -8.17
CA ILE D 228 -7.28 25.40 -8.88
C ILE D 228 -8.02 26.49 -9.66
N ALA D 229 -9.07 26.09 -10.38
CA ALA D 229 -9.83 27.06 -11.16
C ALA D 229 -10.48 28.11 -10.28
N ASP D 230 -11.04 27.68 -9.14
CA ASP D 230 -11.66 28.61 -8.21
C ASP D 230 -10.63 29.56 -7.62
N PHE D 231 -9.44 29.05 -7.31
CA PHE D 231 -8.39 29.90 -6.77
C PHE D 231 -7.98 30.96 -7.77
N VAL D 232 -7.83 30.58 -9.05
CA VAL D 232 -7.47 31.56 -10.06
C VAL D 232 -8.60 32.57 -10.28
N MET D 233 -9.84 32.11 -10.20
CA MET D 233 -10.98 33.01 -10.33
C MET D 233 -11.01 34.03 -9.19
N SER D 234 -10.77 33.58 -7.97
CA SER D 234 -10.72 34.49 -6.83
C SER D 234 -9.55 35.47 -6.97
N LEU D 235 -8.41 34.99 -7.49
CA LEU D 235 -7.27 35.86 -7.68
C LEU D 235 -7.53 36.92 -8.75
N THR D 236 -8.31 36.58 -9.78
CA THR D 236 -8.61 37.53 -10.84
C THR D 236 -9.82 38.41 -10.54
N PHE D 237 -10.58 38.10 -9.49
CA PHE D 237 -11.67 38.99 -9.09
C PHE D 237 -11.22 40.43 -8.80
N PRO D 238 -10.19 40.68 -7.97
CA PRO D 238 -9.87 42.07 -7.62
C PRO D 238 -9.48 42.93 -8.81
N PHE D 239 -8.91 42.35 -9.87
CA PHE D 239 -8.60 43.12 -11.06
C PHE D 239 -9.87 43.71 -11.66
N LYS D 240 -10.93 42.92 -11.79
CA LYS D 240 -12.16 43.45 -12.30
C LYS D 240 -12.68 44.47 -11.34
N ILE D 241 -12.69 44.09 -10.08
CA ILE D 241 -13.28 44.98 -9.07
C ILE D 241 -12.68 46.38 -9.19
N LEU D 242 -11.35 46.46 -9.30
CA LEU D 242 -10.71 47.75 -9.44
C LEU D 242 -10.97 48.37 -10.81
N GLY D 243 -11.13 47.54 -11.84
CA GLY D 243 -11.40 48.07 -13.17
C GLY D 243 -12.75 48.75 -13.27
N ASP D 244 -13.79 48.12 -12.71
CA ASP D 244 -15.13 48.69 -12.75
C ASP D 244 -15.44 49.58 -11.56
N SER D 245 -14.54 49.67 -10.58
CA SER D 245 -14.74 50.58 -9.45
C SER D 245 -14.52 52.03 -9.86
N GLY D 246 -13.61 52.27 -10.82
CA GLY D 246 -13.30 53.61 -11.28
C GLY D 246 -12.03 54.19 -10.69
N LEU D 247 -11.53 53.62 -9.59
CA LEU D 247 -10.30 54.13 -8.99
C LEU D 247 -9.08 53.75 -9.80
N GLY D 248 -9.10 52.60 -10.46
CA GLY D 248 -7.98 52.13 -11.24
C GLY D 248 -7.78 52.91 -12.52
N PRO D 249 -6.57 52.88 -13.05
CA PRO D 249 -6.28 53.58 -14.30
C PRO D 249 -6.82 52.81 -15.50
N TRP D 250 -6.78 53.48 -16.65
CA TRP D 250 -7.24 52.87 -17.89
C TRP D 250 -6.38 51.68 -18.29
N GLN D 251 -5.10 51.70 -17.93
CA GLN D 251 -4.23 50.56 -18.19
C GLN D 251 -4.71 49.32 -17.45
N LEU D 252 -5.15 49.49 -16.20
CA LEU D 252 -5.72 48.38 -15.46
C LEU D 252 -6.99 47.86 -16.13
N ASN D 253 -7.82 48.77 -16.63
CA ASN D 253 -9.05 48.35 -17.31
C ASN D 253 -8.74 47.55 -18.58
N VAL D 254 -7.76 48.00 -19.36
CA VAL D 254 -7.44 47.27 -20.59
C VAL D 254 -6.76 45.94 -20.25
N PHE D 255 -5.99 45.89 -19.15
CA PHE D 255 -5.43 44.61 -18.71
C PHE D 255 -6.53 43.64 -18.30
N VAL D 256 -7.55 44.12 -17.60
CA VAL D 256 -8.67 43.28 -17.23
C VAL D 256 -9.40 42.79 -18.47
N CYS D 257 -9.62 43.69 -19.43
CA CYS D 257 -10.32 43.31 -20.66
C CYS D 257 -9.54 42.26 -21.45
N ARG D 258 -8.21 42.39 -21.49
CA ARG D 258 -7.40 41.52 -22.33
C ARG D 258 -6.91 40.27 -21.62
N VAL D 259 -6.71 40.32 -20.31
CA VAL D 259 -6.08 39.21 -19.60
C VAL D 259 -6.97 38.66 -18.50
N SER D 260 -7.33 39.51 -17.54
CA SER D 260 -8.02 39.05 -16.35
C SER D 260 -9.37 38.43 -16.67
N ALA D 261 -10.16 39.08 -17.53
CA ALA D 261 -11.47 38.56 -17.87
C ALA D 261 -11.37 37.24 -18.62
N VAL D 262 -10.39 37.12 -19.52
CA VAL D 262 -10.22 35.88 -20.27
C VAL D 262 -9.88 34.73 -19.32
N LEU D 263 -8.97 34.98 -18.38
CA LEU D 263 -8.63 33.95 -17.40
C LEU D 263 -9.83 33.58 -16.53
N PHE D 264 -10.62 34.59 -16.16
CA PHE D 264 -11.82 34.32 -15.38
C PHE D 264 -12.79 33.42 -16.13
N TYR D 265 -13.01 33.71 -17.41
CA TYR D 265 -13.91 32.88 -18.21
C TYR D 265 -13.35 31.47 -18.39
N VAL D 266 -12.03 31.36 -18.59
CA VAL D 266 -11.41 30.04 -18.72
C VAL D 266 -11.63 29.23 -17.45
N ASN D 267 -11.41 29.85 -16.29
CA ASN D 267 -11.60 29.14 -15.04
C ASN D 267 -13.07 28.75 -14.83
N MET D 268 -13.98 29.65 -15.18
CA MET D 268 -15.41 29.34 -15.05
C MET D 268 -15.80 28.14 -15.88
N TYR D 269 -15.36 28.11 -17.15
CA TYR D 269 -15.76 27.01 -18.02
C TYR D 269 -15.01 25.72 -17.69
N VAL D 270 -13.78 25.82 -17.18
CA VAL D 270 -13.10 24.64 -16.66
C VAL D 270 -13.88 24.06 -15.49
N SER D 271 -14.35 24.92 -14.58
CA SER D 271 -15.14 24.45 -13.45
C SER D 271 -16.45 23.82 -13.92
N ILE D 272 -17.08 24.40 -14.94
CA ILE D 272 -18.33 23.83 -15.45
C ILE D 272 -18.09 22.46 -16.05
N VAL D 273 -17.04 22.33 -16.87
CA VAL D 273 -16.72 21.06 -17.49
C VAL D 273 -16.40 20.02 -16.44
N PHE D 274 -15.70 20.41 -15.37
CA PHE D 274 -15.35 19.46 -14.33
C PHE D 274 -16.56 19.10 -13.46
N PHE D 275 -17.52 20.02 -13.32
CA PHE D 275 -18.78 19.65 -12.69
C PHE D 275 -19.51 18.60 -13.51
N GLY D 276 -19.53 18.77 -14.82
CA GLY D 276 -20.10 17.74 -15.69
C GLY D 276 -19.36 16.42 -15.58
N LEU D 277 -18.03 16.49 -15.46
CA LEU D 277 -17.24 15.28 -15.30
C LEU D 277 -17.54 14.58 -13.98
N ILE D 278 -17.72 15.34 -12.90
CA ILE D 278 -18.09 14.75 -11.62
C ILE D 278 -19.46 14.10 -11.71
N SER D 279 -20.40 14.77 -12.38
CA SER D 279 -21.73 14.18 -12.55
C SER D 279 -21.64 12.87 -13.31
N PHE D 280 -20.85 12.83 -14.39
CA PHE D 280 -20.70 11.60 -15.15
C PHE D 280 -20.01 10.51 -14.33
N ASP D 281 -19.00 10.89 -13.53
CA ASP D 281 -18.30 9.90 -12.71
C ASP D 281 -19.23 9.31 -11.67
N ARG D 282 -20.05 10.15 -11.02
CA ARG D 282 -21.01 9.65 -10.05
C ARG D 282 -22.05 8.75 -10.73
N TYR D 283 -22.50 9.13 -11.92
CA TYR D 283 -23.42 8.29 -12.67
C TYR D 283 -22.81 6.93 -12.98
N TYR D 284 -21.54 6.93 -13.40
CA TYR D 284 -20.85 5.67 -13.70
C TYR D 284 -20.70 4.82 -12.45
N LYS D 285 -20.38 5.44 -11.31
CA LYS D 285 -20.12 4.68 -10.09
C LYS D 285 -21.40 4.13 -9.50
N ILE D 286 -22.51 4.86 -9.62
CA ILE D 286 -23.75 4.47 -8.96
C ILE D 286 -24.66 3.68 -9.89
N VAL D 287 -25.03 4.28 -11.04
CA VAL D 287 -25.99 3.67 -11.94
C VAL D 287 -25.45 2.41 -12.61
N LYS D 288 -24.13 2.33 -12.81
CA LYS D 288 -23.50 1.24 -13.56
C LYS D 288 -24.11 1.14 -14.96
N PRO D 289 -23.81 2.08 -15.85
CA PRO D 289 -24.46 2.08 -17.17
C PRO D 289 -23.99 0.92 -18.03
N LEU D 290 -24.80 0.63 -19.05
CA LEU D 290 -24.50 -0.47 -19.96
C LEU D 290 -23.30 -0.19 -20.85
N TRP D 291 -22.87 1.08 -20.95
CA TRP D 291 -21.71 1.45 -21.75
C TRP D 291 -20.47 1.63 -20.89
N THR D 292 -20.31 0.78 -19.86
CA THR D 292 -19.19 0.88 -18.94
C THR D 292 -17.84 0.60 -19.60
N SER D 293 -17.83 0.05 -20.82
CA SER D 293 -16.58 -0.26 -21.50
C SER D 293 -15.76 0.98 -21.85
N PHE D 294 -16.37 2.17 -21.81
CA PHE D 294 -15.62 3.40 -22.08
C PHE D 294 -14.51 3.61 -21.06
N ILE D 295 -14.82 3.36 -19.78
CA ILE D 295 -13.85 3.44 -18.68
C ILE D 295 -13.24 4.84 -18.61
N GLN D 296 -14.10 5.87 -18.61
CA GLN D 296 -13.60 7.23 -18.43
C GLN D 296 -12.99 7.42 -17.04
N SER D 297 -13.62 6.83 -16.02
CA SER D 297 -13.13 6.92 -14.64
C SER D 297 -11.95 5.97 -14.47
N VAL D 298 -10.80 6.41 -14.99
CA VAL D 298 -9.56 5.66 -14.95
C VAL D 298 -8.42 6.64 -14.74
N SER D 299 -7.19 6.11 -14.70
CA SER D 299 -6.02 6.97 -14.60
C SER D 299 -5.93 7.93 -15.77
N TYR D 300 -6.38 7.51 -16.95
CA TYR D 300 -6.36 8.38 -18.13
C TYR D 300 -7.16 9.66 -17.92
N SER D 301 -8.13 9.64 -16.99
CA SER D 301 -8.87 10.86 -16.67
C SER D 301 -7.94 11.99 -16.28
N LYS D 302 -6.83 11.66 -15.60
CA LYS D 302 -5.83 12.68 -15.30
C LYS D 302 -5.39 13.39 -16.56
N LEU D 303 -5.01 12.62 -17.58
CA LEU D 303 -4.72 13.22 -18.88
C LEU D 303 -5.94 13.96 -19.41
N LEU D 304 -7.12 13.35 -19.32
CA LEU D 304 -8.35 14.03 -19.69
C LEU D 304 -8.45 15.37 -18.99
N SER D 305 -8.04 15.42 -17.72
CA SER D 305 -8.08 16.66 -16.97
C SER D 305 -7.33 17.77 -17.71
N VAL D 306 -6.08 17.50 -18.10
CA VAL D 306 -5.34 18.51 -18.85
C VAL D 306 -5.96 18.68 -20.23
N ILE D 307 -6.44 17.58 -20.82
CA ILE D 307 -7.15 17.66 -22.09
C ILE D 307 -8.38 18.54 -21.95
N VAL D 308 -8.92 18.64 -20.74
CA VAL D 308 -9.95 19.63 -20.46
C VAL D 308 -9.34 21.03 -20.48
N TRP D 309 -8.35 21.26 -19.62
CA TRP D 309 -7.84 22.62 -19.39
C TRP D 309 -7.39 23.26 -20.69
N MET D 310 -6.39 22.65 -21.35
CA MET D 310 -5.85 23.22 -22.58
C MET D 310 -6.95 23.47 -23.60
N LEU D 311 -8.00 22.65 -23.61
CA LEU D 311 -9.08 22.85 -24.56
C LEU D 311 -9.64 24.27 -24.46
N MET D 312 -10.04 24.67 -23.25
CA MET D 312 -10.51 26.04 -23.08
C MET D 312 -9.39 27.04 -23.31
N LEU D 313 -8.15 26.69 -22.99
CA LEU D 313 -7.03 27.53 -23.37
C LEU D 313 -6.99 27.69 -24.88
N LEU D 314 -7.16 26.59 -25.61
CA LEU D 314 -7.21 26.67 -27.06
C LEU D 314 -8.40 27.47 -27.54
N LEU D 315 -9.43 27.62 -26.71
CA LEU D 315 -10.58 28.44 -27.06
C LEU D 315 -10.45 29.88 -26.61
N ALA D 316 -9.40 30.22 -25.85
CA ALA D 316 -9.27 31.56 -25.32
C ALA D 316 -7.87 32.16 -25.46
N VAL D 317 -6.87 31.36 -25.87
CA VAL D 317 -5.54 31.93 -26.12
C VAL D 317 -5.58 33.02 -27.17
N PRO D 318 -6.26 32.85 -28.32
CA PRO D 318 -6.35 33.97 -29.27
C PRO D 318 -7.01 35.22 -28.70
N ASN D 319 -7.96 35.08 -27.77
CA ASN D 319 -8.65 36.23 -27.20
C ASN D 319 -7.73 37.14 -26.40
N ILE D 320 -6.54 36.68 -26.02
CA ILE D 320 -5.60 37.53 -25.30
C ILE D 320 -4.63 38.21 -26.26
N ILE D 321 -4.15 37.51 -27.28
CA ILE D 321 -3.18 38.09 -28.20
C ILE D 321 -3.85 38.98 -29.26
N LEU D 322 -5.10 38.69 -29.60
CA LEU D 322 -5.79 39.46 -30.63
C LEU D 322 -6.40 40.76 -30.09
N THR D 323 -6.33 41.01 -28.79
CA THR D 323 -6.78 42.27 -28.21
C THR D 323 -5.61 43.26 -28.21
N ASN D 324 -5.19 43.62 -29.42
CA ASN D 324 -4.02 44.46 -29.61
C ASN D 324 -4.34 45.86 -30.14
N GLN D 325 -5.60 46.12 -30.49
CA GLN D 325 -5.95 47.43 -31.01
C GLN D 325 -5.80 48.50 -29.93
N SER D 326 -5.19 49.62 -30.31
CA SER D 326 -5.00 50.72 -29.37
C SER D 326 -6.31 51.42 -29.09
N VAL D 327 -6.44 51.93 -27.85
CA VAL D 327 -7.66 52.61 -27.44
C VAL D 327 -7.74 53.96 -28.14
N ARG D 328 -8.88 54.22 -28.77
CA ARG D 328 -9.07 55.50 -29.45
C ARG D 328 -9.07 56.66 -28.47
N GLU D 329 -9.71 56.49 -27.31
CA GLU D 329 -9.75 57.51 -26.29
C GLU D 329 -9.51 56.85 -24.93
N VAL D 330 -8.95 57.64 -24.01
CA VAL D 330 -8.66 57.14 -22.66
C VAL D 330 -9.84 57.33 -21.71
N THR D 331 -10.88 58.05 -22.13
CA THR D 331 -12.04 58.24 -21.25
C THR D 331 -12.75 56.92 -20.97
N GLN D 332 -12.92 56.09 -21.99
CA GLN D 332 -13.57 54.79 -21.83
C GLN D 332 -12.94 53.80 -22.80
N ILE D 333 -12.96 52.53 -22.41
CA ILE D 333 -12.39 51.45 -23.22
C ILE D 333 -13.43 50.35 -23.34
N LYS D 334 -13.68 49.89 -24.57
CA LYS D 334 -14.59 48.80 -24.85
C LYS D 334 -13.80 47.62 -25.39
N CYS D 335 -14.14 46.41 -24.90
CA CYS D 335 -13.43 45.22 -25.32
C CYS D 335 -13.58 44.96 -26.81
N ILE D 336 -14.77 45.23 -27.37
CA ILE D 336 -14.98 45.04 -28.80
C ILE D 336 -14.14 46.02 -29.61
N GLU D 337 -13.96 47.24 -29.11
CA GLU D 337 -13.16 48.24 -29.81
C GLU D 337 -11.66 48.00 -29.70
N LEU D 338 -11.24 47.09 -28.84
CA LEU D 338 -9.82 46.77 -28.66
C LEU D 338 -9.42 45.50 -29.41
N LYS D 339 -10.28 44.97 -30.26
CA LYS D 339 -10.01 43.75 -31.01
C LYS D 339 -10.12 44.02 -32.51
N SER D 340 -9.31 43.30 -33.27
CA SER D 340 -9.38 43.39 -34.73
C SER D 340 -10.62 42.67 -35.25
N GLU D 341 -10.85 42.79 -36.55
CA GLU D 341 -11.98 42.12 -37.17
C GLU D 341 -11.88 40.61 -37.01
N LEU D 342 -10.69 40.06 -37.28
CA LEU D 342 -10.48 38.63 -37.04
C LEU D 342 -10.62 38.30 -35.55
N GLY D 343 -10.06 39.16 -34.69
CA GLY D 343 -10.21 38.93 -33.26
C GLY D 343 -11.65 39.02 -32.79
N ARG D 344 -12.39 40.01 -33.30
CA ARG D 344 -13.81 40.13 -32.94
C ARG D 344 -14.60 38.91 -33.41
N LYS D 345 -14.35 38.46 -34.64
CA LYS D 345 -15.05 37.28 -35.13
C LYS D 345 -14.69 36.04 -34.32
N TRP D 346 -13.41 35.87 -34.00
CA TRP D 346 -12.99 34.70 -33.23
C TRP D 346 -13.57 34.71 -31.83
N HIS D 347 -13.66 35.88 -31.19
CA HIS D 347 -14.30 35.93 -29.88
C HIS D 347 -15.80 35.71 -29.97
N LYS D 348 -16.44 36.24 -31.02
CA LYS D 348 -17.87 35.97 -31.18
C LYS D 348 -18.16 34.52 -31.41
N ALA D 349 -17.23 33.79 -32.03
CA ALA D 349 -17.35 32.34 -32.16
C ALA D 349 -16.98 31.58 -30.89
N SER D 350 -15.95 31.99 -30.16
CA SER D 350 -15.54 31.32 -28.93
C SER D 350 -16.55 31.49 -27.82
N ASN D 351 -17.18 32.66 -27.71
CA ASN D 351 -18.24 32.85 -26.73
C ASN D 351 -19.43 31.94 -27.01
N TYR D 352 -19.79 31.75 -28.29
CA TYR D 352 -20.81 30.79 -28.67
C TYR D 352 -20.42 29.35 -28.39
N ILE D 353 -19.17 28.99 -28.67
CA ILE D 353 -18.67 27.64 -28.35
C ILE D 353 -18.73 27.38 -26.86
N PHE D 354 -18.36 28.37 -26.05
CA PHE D 354 -18.42 28.21 -24.60
C PHE D 354 -19.84 27.99 -24.12
N VAL D 355 -20.79 28.75 -24.67
CA VAL D 355 -22.20 28.61 -24.27
C VAL D 355 -22.73 27.25 -24.69
N ALA D 356 -22.39 26.81 -25.91
CA ALA D 356 -22.82 25.50 -26.36
C ALA D 356 -22.23 24.39 -25.50
N ILE D 357 -20.96 24.51 -25.14
CA ILE D 357 -20.32 23.53 -24.27
C ILE D 357 -21.01 23.50 -22.91
N PHE D 358 -21.32 24.68 -22.37
CA PHE D 358 -22.02 24.73 -21.09
C PHE D 358 -23.38 24.07 -21.18
N TRP D 359 -24.11 24.30 -22.27
CA TRP D 359 -25.45 23.72 -22.38
C TRP D 359 -25.38 22.21 -22.54
N ILE D 360 -24.39 21.71 -23.28
CA ILE D 360 -24.19 20.26 -23.37
C ILE D 360 -23.89 19.69 -21.99
N VAL D 361 -23.01 20.36 -21.24
CA VAL D 361 -22.64 19.89 -19.90
C VAL D 361 -23.85 19.95 -18.98
N PHE D 362 -24.68 20.98 -19.11
CA PHE D 362 -25.86 21.11 -18.27
C PHE D 362 -26.88 20.02 -18.56
N LEU D 363 -27.12 19.72 -19.84
CA LEU D 363 -28.03 18.63 -20.17
C LEU D 363 -27.50 17.30 -19.67
N LEU D 364 -26.20 17.05 -19.84
CA LEU D 364 -25.61 15.82 -19.35
C LEU D 364 -25.71 15.72 -17.83
N LEU D 365 -25.44 16.82 -17.14
CA LEU D 365 -25.53 16.84 -15.67
C LEU D 365 -26.94 16.57 -15.21
N ILE D 366 -27.94 17.20 -15.84
CA ILE D 366 -29.33 16.98 -15.45
C ILE D 366 -29.71 15.53 -15.67
N VAL D 367 -29.35 14.96 -16.83
CA VAL D 367 -29.71 13.58 -17.13
C VAL D 367 -29.05 12.63 -16.12
N PHE D 368 -27.74 12.83 -15.88
CA PHE D 368 -27.02 11.94 -14.98
C PHE D 368 -27.55 12.02 -13.55
N TYR D 369 -27.86 13.24 -13.08
CA TYR D 369 -28.35 13.36 -11.71
C TYR D 369 -29.78 12.85 -11.57
N THR D 370 -30.61 13.00 -12.61
CA THR D 370 -31.94 12.38 -12.57
C THR D 370 -31.81 10.86 -12.52
N ALA D 371 -30.89 10.29 -13.31
CA ALA D 371 -30.67 8.85 -13.26
C ALA D 371 -30.17 8.41 -11.89
N ILE D 372 -29.27 9.19 -11.28
CA ILE D 372 -28.75 8.85 -9.96
C ILE D 372 -29.87 8.90 -8.92
N THR D 373 -30.73 9.92 -8.99
CA THR D 373 -31.85 9.99 -8.05
C THR D 373 -32.81 8.83 -8.24
N LYS D 374 -33.08 8.46 -9.49
CA LYS D 374 -33.95 7.30 -9.74
C LYS D 374 -33.34 6.02 -9.20
N LYS D 375 -32.02 5.86 -9.36
CA LYS D 375 -31.33 4.69 -8.82
C LYS D 375 -31.42 4.67 -7.29
N ILE D 376 -31.23 5.83 -6.65
CA ILE D 376 -31.29 5.90 -5.20
C ILE D 376 -32.69 5.58 -4.70
N PHE D 377 -33.72 6.10 -5.37
CA PHE D 377 -35.09 5.85 -4.93
C PHE D 377 -35.43 4.37 -5.00
N LYS D 378 -34.98 3.68 -6.04
CA LYS D 378 -35.18 2.24 -6.15
C LYS D 378 -34.11 1.44 -5.41
N SER D 379 -33.15 2.10 -4.78
CA SER D 379 -32.07 1.39 -4.09
C SER D 379 -32.56 0.73 -2.81
N HIS D 380 -33.05 1.53 -1.87
CA HIS D 380 -33.38 1.04 -0.54
C HIS D 380 -34.88 0.74 -0.43
N LEU D 381 -35.20 -0.23 0.42
CA LEU D 381 -36.59 -0.59 0.69
C LEU D 381 -37.22 0.28 1.78
N LYS D 382 -36.47 1.23 2.32
CA LYS D 382 -36.95 2.17 3.35
C LYS D 382 -37.34 1.37 4.59
N SER D 383 -38.30 1.88 5.37
CA SER D 383 -38.75 1.26 6.61
C SER D 383 -37.61 1.10 7.61
N SER D 384 -36.64 2.02 7.57
CA SER D 384 -35.51 1.99 8.48
C SER D 384 -34.98 3.40 8.65
N ARG D 385 -34.52 3.71 9.86
CA ARG D 385 -33.98 5.04 10.14
C ARG D 385 -32.74 5.32 9.32
N ASN D 386 -31.83 4.33 9.23
CA ASN D 386 -30.61 4.52 8.45
C ASN D 386 -30.93 4.69 6.96
N SER D 387 -31.86 3.88 6.44
CA SER D 387 -32.24 4.00 5.04
C SER D 387 -32.84 5.37 4.74
N THR D 388 -33.74 5.84 5.61
CA THR D 388 -34.34 7.15 5.41
C THR D 388 -33.29 8.26 5.48
N SER D 389 -32.36 8.15 6.43
CA SER D 389 -31.30 9.15 6.53
C SER D 389 -30.42 9.17 5.29
N VAL D 390 -30.06 7.99 4.78
CA VAL D 390 -29.21 7.92 3.59
C VAL D 390 -29.95 8.52 2.39
N LYS D 391 -31.22 8.14 2.20
CA LYS D 391 -31.98 8.66 1.08
C LYS D 391 -32.14 10.18 1.18
N LYS D 392 -32.46 10.69 2.36
CA LYS D 392 -32.64 12.13 2.54
C LYS D 392 -31.34 12.87 2.28
N LYS D 393 -30.22 12.35 2.80
CA LYS D 393 -28.93 13.02 2.61
C LYS D 393 -28.55 13.05 1.13
N SER D 394 -28.68 11.91 0.45
CA SER D 394 -28.32 11.86 -0.97
C SER D 394 -29.21 12.78 -1.80
N SER D 395 -30.53 12.75 -1.55
CA SER D 395 -31.44 13.60 -2.29
C SER D 395 -31.16 15.07 -2.04
N ARG D 396 -30.88 15.43 -0.78
CA ARG D 396 -30.58 16.83 -0.46
C ARG D 396 -29.30 17.29 -1.14
N ASN D 397 -28.26 16.43 -1.14
CA ASN D 397 -27.01 16.80 -1.80
C ASN D 397 -27.21 16.98 -3.30
N ILE D 398 -27.92 16.06 -3.94
CA ILE D 398 -28.13 16.16 -5.38
C ILE D 398 -28.97 17.39 -5.71
N PHE D 399 -30.02 17.64 -4.93
CA PHE D 399 -30.86 18.82 -5.16
C PHE D 399 -30.06 20.09 -4.97
N SER D 400 -29.21 20.15 -3.94
CA SER D 400 -28.38 21.32 -3.73
C SER D 400 -27.43 21.56 -4.90
N ILE D 401 -26.81 20.48 -5.39
CA ILE D 401 -25.90 20.62 -6.53
C ILE D 401 -26.64 21.16 -7.74
N VAL D 402 -27.78 20.55 -8.07
CA VAL D 402 -28.53 20.97 -9.25
C VAL D 402 -29.02 22.40 -9.10
N PHE D 403 -29.53 22.75 -7.92
CA PHE D 403 -30.06 24.08 -7.69
C PHE D 403 -28.98 25.14 -7.77
N VAL D 404 -27.81 24.89 -7.16
CA VAL D 404 -26.74 25.88 -7.21
C VAL D 404 -26.22 26.03 -8.63
N PHE D 405 -26.07 24.92 -9.36
CA PHE D 405 -25.64 25.00 -10.75
C PHE D 405 -26.62 25.83 -11.57
N PHE D 406 -27.91 25.52 -11.46
CA PHE D 406 -28.93 26.24 -12.21
C PHE D 406 -28.91 27.72 -11.88
N VAL D 407 -29.01 28.07 -10.59
CA VAL D 407 -29.11 29.46 -10.20
C VAL D 407 -27.87 30.24 -10.60
N CYS D 408 -26.69 29.65 -10.42
CA CYS D 408 -25.45 30.37 -10.68
C CYS D 408 -25.18 30.53 -12.17
N PHE D 409 -25.60 29.57 -13.00
CA PHE D 409 -25.12 29.55 -14.38
C PHE D 409 -26.20 29.77 -15.44
N VAL D 410 -27.41 29.23 -15.26
CA VAL D 410 -28.41 29.30 -16.33
C VAL D 410 -28.77 30.72 -16.71
N PRO D 411 -29.05 31.64 -15.78
CA PRO D 411 -29.32 33.03 -16.20
C PRO D 411 -28.19 33.64 -17.01
N TYR D 412 -26.94 33.38 -16.62
CA TYR D 412 -25.82 33.93 -17.37
C TYR D 412 -25.77 33.40 -18.79
N HIS D 413 -26.02 32.10 -18.97
CA HIS D 413 -25.92 31.50 -20.29
C HIS D 413 -27.18 31.66 -21.12
N ILE D 414 -28.26 32.17 -20.54
CA ILE D 414 -29.39 32.60 -21.35
C ILE D 414 -29.33 34.11 -21.65
N ALA D 415 -28.54 34.87 -20.89
CA ALA D 415 -28.38 36.30 -21.15
C ALA D 415 -27.10 36.64 -21.92
N ARG D 416 -26.16 35.71 -22.04
CA ARG D 416 -24.90 36.00 -22.70
C ARG D 416 -25.09 36.22 -24.20
N ILE D 417 -25.83 35.32 -24.85
CA ILE D 417 -26.03 35.45 -26.29
C ILE D 417 -26.68 36.78 -26.67
N PRO D 418 -27.76 37.24 -26.01
CA PRO D 418 -28.25 38.60 -26.31
C PRO D 418 -27.22 39.68 -26.09
N TYR D 419 -26.39 39.57 -25.04
CA TYR D 419 -25.43 40.63 -24.77
C TYR D 419 -24.27 40.64 -25.77
N THR D 420 -23.78 39.46 -26.14
CA THR D 420 -22.72 39.42 -27.14
C THR D 420 -23.24 39.83 -28.51
N LYS D 421 -24.52 39.54 -28.80
CA LYS D 421 -25.13 40.09 -30.01
C LYS D 421 -25.23 41.60 -29.93
N SER D 422 -25.55 42.13 -28.74
CA SER D 422 -25.66 43.57 -28.56
C SER D 422 -24.32 44.26 -28.78
N GLN D 423 -23.24 43.68 -28.26
CA GLN D 423 -21.93 44.29 -28.44
C GLN D 423 -21.21 43.82 -29.69
N THR D 424 -21.85 42.98 -30.53
CA THR D 424 -21.33 42.67 -31.85
C THR D 424 -22.21 43.21 -32.97
N GLU D 425 -23.39 43.72 -32.67
CA GLU D 425 -24.28 44.34 -33.65
C GLU D 425 -24.66 45.74 -33.19
N ALA D 426 -24.64 46.69 -34.12
CA ALA D 426 -24.84 48.09 -33.81
C ALA D 426 -26.28 48.57 -33.98
N HIS D 427 -27.22 47.67 -34.28
CA HIS D 427 -28.60 48.03 -34.53
C HIS D 427 -29.52 47.75 -33.35
N TYR D 428 -28.96 47.47 -32.17
CA TYR D 428 -29.76 47.12 -31.01
C TYR D 428 -30.00 48.29 -30.06
N SER D 429 -29.61 49.51 -30.45
CA SER D 429 -29.87 50.73 -29.70
C SER D 429 -29.12 50.77 -28.37
N CYS D 430 -29.02 51.95 -27.77
CA CYS D 430 -28.23 52.13 -26.55
C CYS D 430 -28.95 51.61 -25.31
N GLN D 431 -30.27 51.79 -25.24
CA GLN D 431 -31.00 51.42 -24.02
C GLN D 431 -30.99 49.91 -23.81
N SER D 432 -31.31 49.14 -24.85
CA SER D 432 -31.30 47.69 -24.72
C SER D 432 -29.88 47.18 -24.47
N LYS D 433 -28.88 47.83 -25.07
CA LYS D 433 -27.49 47.46 -24.81
C LYS D 433 -27.13 47.67 -23.36
N GLU D 434 -27.54 48.80 -22.77
CA GLU D 434 -27.26 49.06 -21.36
C GLU D 434 -27.98 48.05 -20.47
N ILE D 435 -29.23 47.74 -20.79
CA ILE D 435 -29.98 46.76 -20.00
C ILE D 435 -29.31 45.40 -20.06
N LEU D 436 -28.88 44.99 -21.26
CA LEU D 436 -28.20 43.71 -21.41
C LEU D 436 -26.86 43.71 -20.69
N ARG D 437 -26.16 44.84 -20.69
CA ARG D 437 -24.89 44.93 -19.95
C ARG D 437 -25.13 44.76 -18.45
N TYR D 438 -26.15 45.41 -17.91
CA TYR D 438 -26.46 45.26 -16.49
C TYR D 438 -26.86 43.83 -16.17
N MET D 439 -27.68 43.21 -17.02
CA MET D 439 -28.09 41.83 -16.80
C MET D 439 -26.89 40.89 -16.85
N LYS D 440 -25.98 41.10 -17.80
CA LYS D 440 -24.79 40.27 -17.89
C LYS D 440 -23.92 40.45 -16.64
N GLU D 441 -23.84 41.66 -16.15
CA GLU D 441 -23.01 41.89 -15.01
C GLU D 441 -23.58 41.21 -13.78
N PHE D 442 -24.89 41.27 -13.60
CA PHE D 442 -25.51 40.60 -12.46
C PHE D 442 -25.41 39.08 -12.57
N THR D 443 -25.64 38.53 -13.77
CA THR D 443 -25.57 37.08 -13.94
C THR D 443 -24.14 36.58 -13.78
N LEU D 444 -23.16 37.35 -14.27
CA LEU D 444 -21.76 37.01 -14.05
C LEU D 444 -21.39 37.11 -12.58
N LEU D 445 -22.03 38.03 -11.85
CA LEU D 445 -21.83 38.10 -10.40
C LEU D 445 -22.38 36.84 -9.72
N LEU D 446 -23.51 36.33 -10.19
CA LEU D 446 -24.04 35.08 -9.65
C LEU D 446 -23.09 33.92 -9.96
N SER D 447 -22.61 33.84 -11.20
CA SER D 447 -21.65 32.81 -11.56
C SER D 447 -20.36 32.97 -10.78
N ALA D 448 -20.05 34.19 -10.36
CA ALA D 448 -18.92 34.41 -9.46
C ALA D 448 -19.20 33.87 -8.08
N ALA D 449 -20.38 34.18 -7.53
CA ALA D 449 -20.76 33.66 -6.22
C ALA D 449 -20.81 32.14 -6.19
N ASN D 450 -20.89 31.52 -7.38
CA ASN D 450 -20.71 30.07 -7.45
C ASN D 450 -19.38 29.63 -6.84
N VAL D 451 -18.34 30.46 -6.89
CA VAL D 451 -17.05 30.04 -6.35
C VAL D 451 -17.15 29.91 -4.83
N CYS D 452 -17.93 30.77 -4.18
CA CYS D 452 -18.15 30.64 -2.75
C CYS D 452 -19.09 29.48 -2.45
N LEU D 453 -20.09 29.26 -3.30
CA LEU D 453 -21.05 28.21 -3.04
C LEU D 453 -20.49 26.81 -3.28
N ASP D 454 -19.44 26.68 -4.08
CA ASP D 454 -18.89 25.36 -4.40
C ASP D 454 -18.31 24.62 -3.18
N PRO D 455 -17.41 25.20 -2.37
CA PRO D 455 -16.79 24.40 -1.30
C PRO D 455 -17.77 23.82 -0.31
N ILE D 456 -18.83 24.55 0.03
CA ILE D 456 -19.82 24.03 0.97
C ILE D 456 -20.55 22.84 0.37
N ILE D 457 -20.80 22.87 -0.93
CA ILE D 457 -21.62 21.85 -1.59
C ILE D 457 -20.78 20.72 -2.15
N TYR D 458 -19.62 21.02 -2.74
CA TYR D 458 -18.80 20.01 -3.41
C TYR D 458 -17.68 19.48 -2.51
N PHE D 459 -16.82 20.36 -2.00
CA PHE D 459 -15.63 19.90 -1.30
C PHE D 459 -15.98 19.37 0.10
N PHE D 460 -16.98 19.98 0.74
CA PHE D 460 -17.30 19.59 2.12
C PHE D 460 -17.78 18.14 2.19
N LEU D 461 -18.57 17.70 1.21
CA LEU D 461 -19.09 16.34 1.21
C LEU D 461 -18.01 15.30 0.96
N CYS D 462 -16.82 15.70 0.49
CA CYS D 462 -15.75 14.75 0.23
C CYS D 462 -15.22 14.21 1.55
N GLN D 463 -15.29 12.88 1.71
CA GLN D 463 -14.89 12.26 2.97
C GLN D 463 -13.41 12.47 3.29
N PRO D 464 -12.45 12.19 2.39
CA PRO D 464 -11.05 12.49 2.72
C PRO D 464 -10.80 13.95 3.03
N PHE D 465 -11.46 14.86 2.30
CA PHE D 465 -11.29 16.28 2.56
C PHE D 465 -11.75 16.65 3.96
N ARG D 466 -12.93 16.16 4.35
CA ARG D 466 -13.45 16.45 5.69
C ARG D 466 -12.56 15.83 6.76
N GLU D 467 -12.07 14.61 6.53
CA GLU D 467 -11.21 13.95 7.50
C GLU D 467 -9.92 14.73 7.70
N ILE D 468 -9.30 15.18 6.61
CA ILE D 468 -8.06 15.94 6.73
C ILE D 468 -8.32 17.31 7.35
N LEU D 469 -9.46 17.92 7.03
CA LEU D 469 -9.82 19.19 7.66
C LEU D 469 -9.96 19.03 9.17
N CYS D 470 -10.63 17.97 9.61
CA CYS D 470 -10.78 17.72 11.04
C CYS D 470 -9.43 17.44 11.70
N LYS D 471 -8.57 16.67 11.02
CA LYS D 471 -7.27 16.33 11.59
C LYS D 471 -6.38 17.56 11.71
N LYS D 472 -6.41 18.45 10.72
CA LYS D 472 -5.47 19.57 10.69
C LYS D 472 -5.97 20.79 11.45
N LEU D 473 -7.21 21.22 11.18
CA LEU D 473 -7.72 22.44 11.79
C LEU D 473 -7.85 22.28 13.30
N HIS D 474 -8.32 21.13 13.76
CA HIS D 474 -8.48 20.89 15.19
C HIS D 474 -7.15 20.55 15.85
N ASP E 39 15.44 -29.92 -14.61
CA ASP E 39 14.60 -28.83 -14.14
C ASP E 39 14.34 -27.82 -15.25
N VAL E 40 15.10 -26.72 -15.24
CA VAL E 40 14.96 -25.71 -16.27
C VAL E 40 15.48 -26.27 -17.59
N GLN E 41 14.71 -26.07 -18.66
CA GLN E 41 15.04 -26.61 -19.96
C GLN E 41 14.66 -25.63 -21.05
N LEU E 42 15.60 -25.37 -21.96
CA LEU E 42 15.35 -24.54 -23.14
C LEU E 42 15.76 -25.34 -24.36
N VAL E 43 14.81 -25.60 -25.27
CA VAL E 43 15.05 -26.42 -26.45
C VAL E 43 14.81 -25.57 -27.68
N GLU E 44 15.85 -25.43 -28.51
CA GLU E 44 15.73 -24.64 -29.73
C GLU E 44 15.40 -25.54 -30.93
N SER E 45 14.78 -24.93 -31.93
CA SER E 45 14.41 -25.63 -33.15
C SER E 45 14.26 -24.63 -34.28
N GLY E 46 14.31 -25.13 -35.50
CA GLY E 46 14.18 -24.31 -36.69
C GLY E 46 15.46 -24.04 -37.44
N GLY E 47 16.59 -24.62 -37.02
CA GLY E 47 17.83 -24.44 -37.73
C GLY E 47 17.95 -25.35 -38.94
N GLY E 48 18.99 -25.11 -39.73
CA GLY E 48 19.25 -25.90 -40.91
C GLY E 48 19.80 -25.04 -42.02
N LEU E 49 19.60 -25.49 -43.25
CA LEU E 49 20.09 -24.83 -44.45
C LEU E 49 19.10 -23.77 -44.91
N VAL E 50 19.58 -22.56 -45.12
CA VAL E 50 18.77 -21.47 -45.67
C VAL E 50 19.55 -20.80 -46.79
N GLN E 51 18.90 -20.62 -47.93
CA GLN E 51 19.53 -19.91 -49.03
C GLN E 51 19.68 -18.43 -48.68
N PRO E 52 20.70 -17.77 -49.21
CA PRO E 52 20.88 -16.34 -48.91
C PRO E 52 19.67 -15.52 -49.34
N GLY E 53 19.32 -14.54 -48.53
CA GLY E 53 18.15 -13.73 -48.76
C GLY E 53 16.84 -14.35 -48.31
N GLY E 54 16.87 -15.54 -47.71
CA GLY E 54 15.67 -16.21 -47.27
C GLY E 54 15.25 -15.78 -45.88
N SER E 55 14.24 -16.47 -45.36
CA SER E 55 13.72 -16.21 -44.03
C SER E 55 13.55 -17.52 -43.29
N ARG E 56 13.88 -17.52 -42.00
CA ARG E 56 13.69 -18.70 -41.15
C ARG E 56 13.20 -18.26 -39.79
N LYS E 57 12.45 -19.16 -39.14
CA LYS E 57 11.73 -18.86 -37.90
C LYS E 57 12.25 -19.80 -36.82
N LEU E 58 13.17 -19.30 -35.99
CA LEU E 58 13.71 -20.08 -34.88
C LEU E 58 12.76 -20.02 -33.69
N SER E 59 12.57 -21.16 -33.03
CA SER E 59 11.72 -21.27 -31.87
C SER E 59 12.51 -21.84 -30.70
N CYS E 60 12.14 -21.42 -29.48
CA CYS E 60 12.78 -21.88 -28.26
C CYS E 60 11.67 -22.21 -27.28
N SER E 61 11.45 -23.51 -27.05
CA SER E 61 10.48 -23.97 -26.07
C SER E 61 11.10 -23.97 -24.68
N ALA E 62 10.37 -23.42 -23.71
CA ALA E 62 10.85 -23.28 -22.35
C ALA E 62 10.03 -24.17 -21.42
N SER E 63 10.70 -24.76 -20.44
CA SER E 63 10.03 -25.58 -19.44
C SER E 63 10.82 -25.51 -18.14
N GLY E 64 10.11 -25.80 -17.04
CA GLY E 64 10.74 -25.83 -15.74
C GLY E 64 10.92 -24.50 -15.07
N PHE E 65 10.42 -23.41 -15.65
CA PHE E 65 10.55 -22.09 -15.03
C PHE E 65 9.44 -21.20 -15.56
N ALA E 66 9.21 -20.11 -14.83
CA ALA E 66 8.13 -19.16 -15.14
C ALA E 66 8.59 -18.27 -16.30
N PHE E 67 8.37 -18.77 -17.52
CA PHE E 67 8.89 -18.10 -18.71
C PHE E 67 8.42 -16.67 -18.85
N SER E 68 7.21 -16.36 -18.37
CA SER E 68 6.66 -15.02 -18.56
C SER E 68 7.42 -13.97 -17.76
N SER E 69 8.04 -14.35 -16.64
CA SER E 69 8.72 -13.42 -15.76
C SER E 69 10.18 -13.21 -16.10
N PHE E 70 10.68 -13.83 -17.16
CA PHE E 70 12.08 -13.74 -17.54
C PHE E 70 12.24 -13.00 -18.85
N GLY E 71 13.26 -12.15 -18.93
CA GLY E 71 13.72 -11.67 -20.21
C GLY E 71 14.44 -12.75 -20.99
N MET E 72 14.37 -12.68 -22.31
CA MET E 72 14.91 -13.71 -23.16
C MET E 72 15.84 -13.09 -24.19
N HIS E 73 17.05 -13.65 -24.31
CA HIS E 73 18.02 -13.18 -25.29
C HIS E 73 18.21 -14.25 -26.37
N TRP E 74 18.52 -13.77 -27.57
CA TRP E 74 19.05 -14.61 -28.64
C TRP E 74 20.51 -14.23 -28.82
N VAL E 75 21.39 -15.24 -28.76
CA VAL E 75 22.83 -15.05 -28.83
C VAL E 75 23.39 -15.96 -29.92
N ARG E 76 24.20 -15.40 -30.81
CA ARG E 76 24.85 -16.15 -31.86
C ARG E 76 26.25 -16.60 -31.44
N GLN E 77 26.69 -17.70 -32.01
CA GLN E 77 28.09 -18.12 -31.94
C GLN E 77 28.48 -18.65 -33.31
N ALA E 78 29.39 -17.95 -33.99
CA ALA E 78 29.88 -18.43 -35.26
C ALA E 78 30.69 -19.71 -35.06
N PRO E 79 30.86 -20.51 -36.12
CA PRO E 79 31.53 -21.81 -35.95
C PRO E 79 32.90 -21.73 -35.26
N GLU E 80 33.65 -20.65 -35.47
CA GLU E 80 34.94 -20.50 -34.80
C GLU E 80 35.20 -19.08 -34.30
N LYS E 81 34.22 -18.18 -34.34
CA LYS E 81 34.44 -16.78 -34.00
C LYS E 81 33.89 -16.39 -32.63
N GLY E 82 33.35 -17.34 -31.86
CA GLY E 82 32.91 -17.04 -30.51
C GLY E 82 31.51 -16.48 -30.45
N LEU E 83 31.08 -16.20 -29.22
CA LEU E 83 29.71 -15.76 -28.96
C LEU E 83 29.49 -14.34 -29.49
N GLU E 84 28.22 -14.05 -29.80
CA GLU E 84 27.82 -12.72 -30.24
C GLU E 84 26.36 -12.52 -29.91
N TRP E 85 26.05 -11.46 -29.17
CA TRP E 85 24.67 -11.15 -28.82
C TRP E 85 23.89 -10.72 -30.06
N VAL E 86 22.61 -11.10 -30.09
CA VAL E 86 21.77 -10.81 -31.25
C VAL E 86 20.59 -9.93 -30.84
N ALA E 87 19.75 -10.43 -29.94
CA ALA E 87 18.51 -9.72 -29.65
C ALA E 87 18.07 -10.02 -28.23
N TYR E 88 17.08 -9.26 -27.75
CA TYR E 88 16.53 -9.45 -26.43
C TYR E 88 15.11 -8.92 -26.37
N ILE E 89 14.26 -9.63 -25.64
CA ILE E 89 12.89 -9.20 -25.37
C ILE E 89 12.67 -9.25 -23.86
N SER E 90 12.10 -8.18 -23.31
CA SER E 90 11.89 -8.09 -21.88
C SER E 90 10.72 -8.96 -21.44
N SER E 91 10.60 -9.13 -20.12
CA SER E 91 9.43 -9.78 -19.57
C SER E 91 8.19 -8.97 -19.90
N GLY E 92 7.16 -9.64 -20.41
CA GLY E 92 5.98 -8.93 -20.85
C GLY E 92 6.14 -8.18 -22.14
N SER E 93 7.26 -8.38 -22.85
CA SER E 93 7.54 -7.72 -24.12
C SER E 93 7.56 -6.20 -23.98
N GLY E 94 7.93 -5.70 -22.80
CA GLY E 94 7.95 -4.26 -22.60
C GLY E 94 8.97 -3.55 -23.46
N THR E 95 10.19 -4.08 -23.51
CA THR E 95 11.26 -3.52 -24.31
C THR E 95 11.85 -4.61 -25.19
N ILE E 96 12.13 -4.25 -26.45
CA ILE E 96 12.68 -5.16 -27.44
C ILE E 96 13.90 -4.50 -28.06
N TYR E 97 15.01 -5.23 -28.12
CA TYR E 97 16.26 -4.70 -28.65
C TYR E 97 16.90 -5.70 -29.60
N TYR E 98 17.67 -5.17 -30.55
CA TYR E 98 18.41 -5.99 -31.50
C TYR E 98 19.82 -5.44 -31.64
N ALA E 99 20.73 -6.31 -32.07
CA ALA E 99 22.07 -5.87 -32.40
C ALA E 99 22.06 -5.09 -33.71
N ASP E 100 23.06 -4.22 -33.87
CA ASP E 100 23.15 -3.41 -35.08
C ASP E 100 23.34 -4.26 -36.32
N THR E 101 23.91 -5.46 -36.16
CA THR E 101 24.10 -6.35 -37.30
C THR E 101 22.77 -6.90 -37.81
N VAL E 102 21.82 -7.14 -36.91
CA VAL E 102 20.54 -7.75 -37.28
C VAL E 102 19.38 -6.78 -37.17
N LYS E 103 19.63 -5.53 -36.77
CA LYS E 103 18.55 -4.56 -36.68
C LYS E 103 17.95 -4.30 -38.06
N GLY E 104 16.62 -4.31 -38.13
CA GLY E 104 15.92 -4.14 -39.38
C GLY E 104 15.73 -5.40 -40.19
N ARG E 105 16.28 -6.53 -39.74
CA ARG E 105 16.13 -7.81 -40.40
C ARG E 105 15.56 -8.89 -39.50
N PHE E 106 15.94 -8.88 -38.22
CA PHE E 106 15.49 -9.88 -37.26
C PHE E 106 14.36 -9.30 -36.40
N THR E 107 13.47 -10.17 -35.96
CA THR E 107 12.35 -9.79 -35.11
C THR E 107 12.20 -10.82 -34.00
N ILE E 108 12.36 -10.39 -32.75
CA ILE E 108 12.23 -11.25 -31.60
C ILE E 108 10.85 -11.04 -30.97
N SER E 109 10.23 -12.13 -30.54
CA SER E 109 8.93 -12.07 -29.89
C SER E 109 8.82 -13.22 -28.91
N ARG E 110 7.75 -13.21 -28.12
CA ARG E 110 7.53 -14.27 -27.15
C ARG E 110 6.04 -14.53 -26.99
N ASP E 111 5.68 -15.79 -26.83
CA ASP E 111 4.33 -16.22 -26.52
C ASP E 111 4.37 -16.86 -25.13
N ASP E 112 4.02 -16.07 -24.12
CA ASP E 112 4.04 -16.56 -22.75
C ASP E 112 3.06 -17.70 -22.49
N PRO E 113 1.81 -17.67 -22.96
CA PRO E 113 0.90 -18.79 -22.66
C PRO E 113 1.43 -20.14 -23.10
N LYS E 114 2.11 -20.21 -24.24
CA LYS E 114 2.76 -21.43 -24.69
C LYS E 114 4.24 -21.49 -24.34
N ASN E 115 4.76 -20.47 -23.63
CA ASN E 115 6.13 -20.44 -23.14
C ASN E 115 7.15 -20.66 -24.26
N THR E 116 7.01 -19.86 -25.32
CA THR E 116 7.90 -20.01 -26.47
C THR E 116 8.53 -18.67 -26.82
N LEU E 117 9.78 -18.72 -27.28
CA LEU E 117 10.52 -17.56 -27.75
C LEU E 117 10.76 -17.69 -29.24
N PHE E 118 10.44 -16.64 -29.99
CA PHE E 118 10.44 -16.68 -31.44
C PHE E 118 11.43 -15.66 -31.99
N LEU E 119 12.17 -16.07 -33.02
CA LEU E 119 13.07 -15.19 -33.76
C LEU E 119 12.82 -15.40 -35.25
N GLN E 120 12.19 -14.42 -35.89
CA GLN E 120 11.97 -14.42 -37.33
C GLN E 120 13.09 -13.64 -38.00
N MET E 121 13.82 -14.30 -38.90
CA MET E 121 14.93 -13.71 -39.61
C MET E 121 14.59 -13.63 -41.09
N THR E 122 14.67 -12.43 -41.66
CA THR E 122 14.37 -12.19 -43.05
C THR E 122 15.62 -11.67 -43.76
N SER E 123 15.74 -12.02 -45.04
CA SER E 123 16.88 -11.65 -45.86
C SER E 123 18.20 -12.07 -45.20
N LEU E 124 18.24 -13.34 -44.80
CA LEU E 124 19.42 -13.87 -44.11
C LEU E 124 20.65 -13.79 -45.00
N ARG E 125 21.75 -13.31 -44.43
CA ARG E 125 23.01 -13.14 -45.14
C ARG E 125 23.93 -14.32 -44.84
N SER E 126 25.07 -14.34 -45.56
CA SER E 126 26.04 -15.40 -45.35
C SER E 126 26.71 -15.29 -43.98
N GLU E 127 26.75 -14.09 -43.41
CA GLU E 127 27.36 -13.88 -42.11
C GLU E 127 26.49 -14.37 -40.95
N ASP E 128 25.25 -14.75 -41.21
CA ASP E 128 24.33 -15.21 -40.17
C ASP E 128 24.47 -16.69 -39.86
N THR E 129 25.35 -17.40 -40.57
CA THR E 129 25.58 -18.82 -40.30
C THR E 129 26.24 -18.97 -38.93
N ALA E 130 25.50 -19.50 -37.96
CA ALA E 130 25.99 -19.60 -36.59
C ALA E 130 25.05 -20.49 -35.80
N MET E 131 25.47 -20.86 -34.60
CA MET E 131 24.62 -21.55 -33.65
C MET E 131 23.91 -20.53 -32.76
N TYR E 132 22.59 -20.64 -32.69
CA TYR E 132 21.76 -19.70 -31.96
C TYR E 132 21.34 -20.32 -30.62
N TYR E 133 21.46 -19.53 -29.55
CA TYR E 133 21.04 -19.93 -28.22
C TYR E 133 20.00 -18.96 -27.71
N CYS E 134 18.96 -19.50 -27.07
CA CYS E 134 18.02 -18.69 -26.30
C CYS E 134 18.46 -18.71 -24.84
N VAL E 135 18.63 -17.52 -24.27
CA VAL E 135 19.22 -17.35 -22.95
C VAL E 135 18.17 -16.76 -22.03
N ARG E 136 17.89 -17.46 -20.94
CA ARG E 136 17.01 -16.96 -19.89
C ARG E 136 17.77 -15.93 -19.05
N SER E 137 17.10 -14.83 -18.71
CA SER E 137 17.79 -13.73 -18.01
C SER E 137 16.76 -12.89 -17.27
N ILE E 138 16.78 -12.92 -15.94
CA ILE E 138 15.87 -12.15 -15.11
C ILE E 138 16.62 -11.00 -14.49
N TYR E 139 15.90 -9.92 -14.18
CA TYR E 139 16.53 -8.68 -13.72
C TYR E 139 15.77 -8.15 -12.51
N TYR E 140 16.39 -8.26 -11.34
CA TYR E 140 15.98 -7.54 -10.14
C TYR E 140 17.21 -7.37 -9.27
N TYR E 141 17.04 -6.71 -8.13
CA TYR E 141 18.17 -6.49 -7.23
C TYR E 141 18.70 -7.82 -6.72
N GLY E 142 19.98 -8.09 -6.99
CA GLY E 142 20.60 -9.33 -6.58
C GLY E 142 20.32 -10.52 -7.47
N SER E 143 19.67 -10.32 -8.61
CA SER E 143 19.35 -11.42 -9.50
C SER E 143 20.60 -11.91 -10.22
N SER E 144 20.46 -13.04 -10.91
CA SER E 144 21.55 -13.67 -11.65
C SER E 144 21.10 -13.85 -13.10
N PRO E 145 21.15 -12.80 -13.91
CA PRO E 145 20.76 -12.93 -15.30
C PRO E 145 21.78 -13.73 -16.10
N PHE E 146 21.32 -14.21 -17.27
CA PHE E 146 22.14 -15.01 -18.18
C PHE E 146 22.59 -16.32 -17.54
N ASP E 147 21.82 -16.84 -16.60
CA ASP E 147 22.22 -18.02 -15.85
C ASP E 147 21.93 -19.33 -16.54
N PHE E 148 21.04 -19.34 -17.54
CA PHE E 148 20.72 -20.57 -18.26
C PHE E 148 20.74 -20.31 -19.76
N TRP E 149 21.35 -21.23 -20.49
CA TRP E 149 21.47 -21.16 -21.94
C TRP E 149 20.89 -22.42 -22.56
N GLY E 150 20.17 -22.25 -23.66
CA GLY E 150 19.67 -23.39 -24.40
C GLY E 150 20.77 -24.07 -25.21
N GLN E 151 20.44 -25.26 -25.73
CA GLN E 151 21.42 -26.01 -26.51
C GLN E 151 21.78 -25.29 -27.80
N GLY E 152 20.82 -24.65 -28.45
CA GLY E 152 21.07 -23.90 -29.66
C GLY E 152 20.91 -24.73 -30.91
N THR E 153 20.62 -24.04 -32.02
CA THR E 153 20.47 -24.67 -33.31
C THR E 153 21.40 -24.02 -34.32
N THR E 154 21.94 -24.84 -35.23
CA THR E 154 22.87 -24.35 -36.23
C THR E 154 22.10 -23.88 -37.47
N LEU E 155 22.34 -22.65 -37.86
CA LEU E 155 21.79 -22.07 -39.09
C LEU E 155 22.93 -21.86 -40.07
N THR E 156 22.84 -22.50 -41.23
CA THR E 156 23.87 -22.41 -42.26
C THR E 156 23.27 -21.75 -43.50
N VAL E 157 23.91 -20.67 -43.95
CA VAL E 157 23.47 -19.92 -45.12
C VAL E 157 24.51 -20.12 -46.22
N SER E 158 24.06 -20.57 -47.38
CA SER E 158 24.94 -20.82 -48.51
C SER E 158 25.46 -19.51 -49.10
N GLY E 173 30.25 0.45 -33.35
CA GLY E 173 31.28 1.46 -33.29
C GLY E 173 31.39 2.13 -31.93
N SER E 174 30.28 2.70 -31.46
CA SER E 174 30.25 3.36 -30.17
C SER E 174 30.00 2.40 -29.01
N ASP E 175 29.67 1.14 -29.29
CA ASP E 175 29.42 0.18 -28.23
C ASP E 175 30.73 -0.23 -27.55
N ILE E 176 30.60 -0.70 -26.30
CA ILE E 176 31.75 -1.13 -25.54
C ILE E 176 32.33 -2.39 -26.16
N VAL E 177 33.64 -2.41 -26.38
CA VAL E 177 34.34 -3.57 -26.91
C VAL E 177 35.07 -4.26 -25.77
N MET E 178 34.89 -5.57 -25.68
CA MET E 178 35.54 -6.40 -24.66
C MET E 178 36.66 -7.17 -25.32
N THR E 179 37.86 -7.07 -24.76
CA THR E 179 39.03 -7.74 -25.32
C THR E 179 39.61 -8.70 -24.29
N GLN E 180 40.18 -9.80 -24.78
CA GLN E 180 40.83 -10.80 -23.95
C GLN E 180 42.27 -10.94 -24.38
N ALA E 181 43.20 -10.84 -23.43
CA ALA E 181 44.62 -10.81 -23.76
C ALA E 181 45.08 -12.12 -24.39
N THR E 182 44.61 -13.25 -23.85
CA THR E 182 45.05 -14.56 -24.30
C THR E 182 43.87 -15.30 -24.95
N SER E 183 44.15 -15.98 -26.06
CA SER E 183 43.16 -16.79 -26.74
C SER E 183 43.22 -18.25 -26.36
N SER E 184 44.42 -18.81 -26.22
CA SER E 184 44.60 -20.19 -25.80
C SER E 184 45.62 -20.25 -24.67
N VAL E 185 45.26 -20.90 -23.57
CA VAL E 185 46.13 -21.01 -22.41
C VAL E 185 46.34 -22.49 -22.09
N PRO E 186 47.53 -23.04 -22.29
CA PRO E 186 47.79 -24.43 -21.90
C PRO E 186 47.89 -24.54 -20.39
N VAL E 187 47.03 -25.37 -19.80
CA VAL E 187 46.94 -25.50 -18.35
C VAL E 187 47.04 -26.96 -17.96
N THR E 188 47.37 -27.18 -16.68
CA THR E 188 47.48 -28.50 -16.08
C THR E 188 46.56 -28.60 -14.88
N PRO E 189 45.83 -29.71 -14.73
CA PRO E 189 44.91 -29.85 -13.59
C PRO E 189 45.64 -29.71 -12.26
N GLY E 190 44.98 -29.06 -11.32
CA GLY E 190 45.54 -28.81 -10.01
C GLY E 190 46.18 -27.45 -9.84
N GLU E 191 46.35 -26.69 -10.92
CA GLU E 191 46.97 -25.37 -10.84
C GLU E 191 45.91 -24.28 -10.73
N SER E 192 46.37 -23.03 -10.67
CA SER E 192 45.51 -21.86 -10.62
C SER E 192 45.68 -21.08 -11.93
N VAL E 193 44.56 -20.79 -12.60
CA VAL E 193 44.57 -20.14 -13.89
C VAL E 193 43.86 -18.81 -13.77
N SER E 194 44.49 -17.75 -14.28
CA SER E 194 43.92 -16.40 -14.26
C SER E 194 43.63 -15.97 -15.68
N ILE E 195 42.35 -15.80 -16.00
CA ILE E 195 41.92 -15.29 -17.29
C ILE E 195 41.62 -13.81 -17.16
N SER E 196 42.26 -13.00 -18.01
CA SER E 196 42.17 -11.55 -17.91
C SER E 196 41.38 -10.99 -19.08
N CYS E 197 40.72 -9.86 -18.85
CA CYS E 197 39.98 -9.17 -19.89
C CYS E 197 40.00 -7.67 -19.62
N ARG E 198 39.74 -6.90 -20.67
CA ARG E 198 39.75 -5.45 -20.58
C ARG E 198 38.55 -4.91 -21.36
N SER E 199 38.12 -3.71 -20.97
CA SER E 199 36.98 -3.05 -21.59
C SER E 199 37.37 -1.65 -22.04
N SER E 200 36.74 -1.19 -23.12
CA SER E 200 37.00 0.16 -23.60
C SER E 200 36.53 1.20 -22.58
N LYS E 201 35.38 0.98 -21.97
CA LYS E 201 34.83 1.86 -20.95
C LYS E 201 34.69 1.09 -19.64
N SER E 202 34.89 1.82 -18.53
CA SER E 202 34.76 1.21 -17.22
C SER E 202 33.35 0.65 -17.02
N LEU E 203 33.26 -0.60 -16.60
CA LEU E 203 31.98 -1.26 -16.39
C LEU E 203 31.35 -0.95 -15.04
N LEU E 204 32.04 -0.21 -14.18
CA LEU E 204 31.49 0.20 -12.91
C LEU E 204 30.49 1.33 -13.11
N HIS E 205 29.32 1.19 -12.51
CA HIS E 205 28.25 2.18 -12.63
C HIS E 205 28.17 3.05 -11.38
N SER E 206 27.37 4.11 -11.47
CA SER E 206 27.20 5.02 -10.36
C SER E 206 26.54 4.35 -9.15
N ASN E 207 25.86 3.23 -9.35
CA ASN E 207 25.22 2.51 -8.27
C ASN E 207 26.16 1.53 -7.57
N GLY E 208 27.42 1.45 -8.00
CA GLY E 208 28.39 0.57 -7.41
C GLY E 208 28.49 -0.80 -8.05
N ASN E 209 27.63 -1.11 -9.02
CA ASN E 209 27.65 -2.40 -9.70
C ASN E 209 28.59 -2.34 -10.90
N THR E 210 29.43 -3.37 -11.02
CA THR E 210 30.32 -3.54 -12.17
C THR E 210 29.76 -4.67 -13.01
N TYR E 211 29.14 -4.32 -14.14
CA TYR E 211 28.38 -5.27 -14.95
C TYR E 211 29.33 -6.06 -15.85
N LEU E 212 29.95 -7.08 -15.28
CA LEU E 212 30.77 -8.03 -16.01
C LEU E 212 30.26 -9.43 -15.75
N TYR E 213 30.23 -10.26 -16.80
CA TYR E 213 29.76 -11.62 -16.71
C TYR E 213 30.81 -12.56 -17.29
N TRP E 214 31.15 -13.58 -16.53
CA TRP E 214 32.09 -14.62 -16.94
C TRP E 214 31.30 -15.88 -17.23
N PHE E 215 31.38 -16.35 -18.47
CA PHE E 215 30.73 -17.57 -18.93
C PHE E 215 31.80 -18.60 -19.31
N LEU E 216 31.46 -19.87 -19.17
CA LEU E 216 32.30 -20.97 -19.60
C LEU E 216 31.53 -21.81 -20.61
N GLN E 217 32.16 -22.08 -21.76
CA GLN E 217 31.58 -22.95 -22.78
C GLN E 217 32.49 -24.16 -22.94
N ARG E 218 32.00 -25.32 -22.52
CA ARG E 218 32.74 -26.56 -22.67
C ARG E 218 32.56 -27.12 -24.08
N PRO E 219 33.50 -27.92 -24.55
CA PRO E 219 33.38 -28.50 -25.91
C PRO E 219 32.12 -29.32 -26.04
N GLY E 220 31.28 -28.96 -27.01
CA GLY E 220 30.03 -29.65 -27.24
C GLY E 220 28.90 -29.25 -26.33
N GLN E 221 29.08 -28.21 -25.51
CA GLN E 221 28.07 -27.78 -24.56
C GLN E 221 27.80 -26.29 -24.74
N SER E 222 26.60 -25.88 -24.32
CA SER E 222 26.24 -24.47 -24.35
C SER E 222 26.99 -23.71 -23.27
N PRO E 223 27.18 -22.39 -23.47
CA PRO E 223 27.87 -21.60 -22.45
C PRO E 223 27.13 -21.63 -21.11
N GLN E 224 27.90 -21.66 -20.03
CA GLN E 224 27.36 -21.71 -18.68
C GLN E 224 27.85 -20.50 -17.90
N LEU E 225 26.93 -19.84 -17.21
CA LEU E 225 27.30 -18.67 -16.41
C LEU E 225 28.15 -19.10 -15.22
N LEU E 226 29.28 -18.43 -15.04
CA LEU E 226 30.14 -18.63 -13.88
C LEU E 226 30.06 -17.48 -12.90
N ILE E 227 30.24 -16.24 -13.39
CA ILE E 227 30.27 -15.06 -12.53
C ILE E 227 29.34 -14.01 -13.12
N TYR E 228 28.53 -13.39 -12.27
CA TYR E 228 27.68 -12.28 -12.69
C TYR E 228 28.01 -11.05 -11.87
N ARG E 229 28.06 -9.90 -12.55
CA ARG E 229 28.42 -8.61 -11.95
C ARG E 229 29.83 -8.64 -11.35
N MET E 230 30.72 -9.41 -11.96
CA MET E 230 32.17 -9.32 -11.76
C MET E 230 32.64 -9.86 -10.42
N SER E 231 31.71 -10.13 -9.51
CA SER E 231 32.11 -10.64 -8.19
C SER E 231 31.23 -11.76 -7.65
N ASN E 232 30.07 -12.01 -8.22
CA ASN E 232 29.10 -12.95 -7.65
C ASN E 232 29.18 -14.29 -8.36
N LEU E 233 29.36 -15.36 -7.58
CA LEU E 233 29.41 -16.70 -8.13
C LEU E 233 28.01 -17.20 -8.44
N ALA E 234 27.82 -17.71 -9.66
CA ALA E 234 26.51 -18.19 -10.06
C ALA E 234 26.14 -19.46 -9.30
N SER E 235 24.83 -19.73 -9.24
CA SER E 235 24.35 -20.90 -8.54
C SER E 235 24.78 -22.18 -9.25
N GLY E 236 25.21 -23.16 -8.47
CA GLY E 236 25.71 -24.40 -9.01
C GLY E 236 27.17 -24.40 -9.43
N VAL E 237 27.84 -23.25 -9.35
CA VAL E 237 29.24 -23.13 -9.70
C VAL E 237 30.08 -23.32 -8.45
N PRO E 238 31.08 -24.20 -8.47
CA PRO E 238 31.91 -24.41 -7.28
C PRO E 238 32.75 -23.19 -6.97
N ASP E 239 33.21 -23.12 -5.73
CA ASP E 239 33.99 -21.98 -5.22
C ASP E 239 35.39 -21.87 -5.85
N ARG E 240 35.73 -22.69 -6.84
CA ARG E 240 37.02 -22.56 -7.51
C ARG E 240 37.12 -21.23 -8.23
N PHE E 241 36.05 -20.79 -8.89
CA PHE E 241 36.06 -19.59 -9.71
C PHE E 241 35.80 -18.37 -8.83
N SER E 242 36.64 -17.34 -9.00
CA SER E 242 36.47 -16.08 -8.31
C SER E 242 36.70 -14.93 -9.30
N GLY E 243 35.88 -13.91 -9.21
CA GLY E 243 35.96 -12.76 -10.09
C GLY E 243 36.49 -11.54 -9.37
N SER E 244 37.32 -10.76 -10.05
CA SER E 244 37.84 -9.52 -9.49
C SER E 244 38.03 -8.52 -10.63
N GLY E 245 38.08 -7.24 -10.27
CA GLY E 245 38.27 -6.21 -11.28
C GLY E 245 38.47 -4.86 -10.64
N SER E 246 39.00 -3.94 -11.44
CA SER E 246 39.25 -2.57 -11.00
C SER E 246 38.37 -1.56 -11.75
N GLY E 247 37.33 -2.03 -12.44
CA GLY E 247 36.45 -1.15 -13.16
C GLY E 247 36.57 -1.29 -14.66
N THR E 248 37.80 -1.41 -15.16
CA THR E 248 38.04 -1.58 -16.58
C THR E 248 38.89 -2.79 -16.94
N ALA E 249 39.68 -3.33 -16.01
CA ALA E 249 40.44 -4.55 -16.22
C ALA E 249 39.99 -5.58 -15.20
N PHE E 250 39.72 -6.80 -15.67
CA PHE E 250 39.11 -7.82 -14.83
C PHE E 250 39.85 -9.13 -14.96
N THR E 251 39.79 -9.93 -13.89
CA THR E 251 40.41 -11.25 -13.84
C THR E 251 39.42 -12.26 -13.27
N LEU E 252 39.53 -13.49 -13.76
CA LEU E 252 38.82 -14.65 -13.23
C LEU E 252 39.86 -15.67 -12.83
N THR E 253 39.87 -16.04 -11.55
CA THR E 253 40.86 -16.96 -11.01
C THR E 253 40.21 -18.29 -10.69
N ILE E 254 40.84 -19.37 -11.16
CA ILE E 254 40.37 -20.74 -10.92
C ILE E 254 41.46 -21.46 -10.13
N SER E 255 41.08 -22.01 -8.98
CA SER E 255 41.97 -22.77 -8.13
C SER E 255 41.62 -24.24 -8.18
N ARG E 256 42.61 -25.08 -7.89
CA ARG E 256 42.50 -26.54 -7.96
C ARG E 256 41.68 -26.99 -9.18
N LEU E 257 42.12 -26.52 -10.34
CA LEU E 257 41.43 -26.78 -11.58
C LEU E 257 41.46 -28.26 -11.92
N GLU E 258 40.35 -28.76 -12.48
CA GLU E 258 40.22 -30.15 -12.90
C GLU E 258 39.93 -30.20 -14.40
N ALA E 259 39.62 -31.39 -14.90
CA ALA E 259 39.26 -31.56 -16.30
C ALA E 259 37.80 -31.26 -16.58
N GLU E 260 37.00 -30.94 -15.56
CA GLU E 260 35.59 -30.67 -15.73
C GLU E 260 35.30 -29.22 -16.12
N ASP E 261 36.26 -28.32 -15.99
CA ASP E 261 36.10 -26.92 -16.37
C ASP E 261 37.09 -26.51 -17.44
N VAL E 262 37.25 -27.37 -18.44
CA VAL E 262 38.10 -27.09 -19.60
C VAL E 262 37.22 -26.63 -20.74
N GLY E 263 37.51 -25.45 -21.29
CA GLY E 263 36.70 -24.91 -22.35
C GLY E 263 37.15 -23.49 -22.68
N VAL E 264 36.22 -22.73 -23.25
CA VAL E 264 36.47 -21.34 -23.65
C VAL E 264 35.75 -20.42 -22.69
N TYR E 265 36.47 -19.43 -22.16
CA TYR E 265 35.92 -18.49 -21.19
C TYR E 265 35.61 -17.17 -21.86
N TYR E 266 34.37 -16.72 -21.72
CA TYR E 266 33.89 -15.50 -22.36
C TYR E 266 33.58 -14.44 -21.33
N CYS E 267 33.94 -13.20 -21.63
CA CYS E 267 33.60 -12.05 -20.82
C CYS E 267 32.56 -11.21 -21.56
N MET E 268 31.49 -10.85 -20.86
CA MET E 268 30.40 -10.08 -21.43
C MET E 268 30.15 -8.84 -20.59
N GLN E 269 29.86 -7.73 -21.24
CA GLN E 269 29.53 -6.49 -20.55
C GLN E 269 28.02 -6.30 -20.53
N HIS E 270 27.52 -5.70 -19.45
CA HIS E 270 26.10 -5.39 -19.33
C HIS E 270 25.87 -3.95 -18.88
N LEU E 271 26.89 -3.11 -18.91
CA LEU E 271 26.72 -1.72 -18.48
C LEU E 271 26.04 -0.90 -19.58
N GLU E 272 26.70 -0.73 -20.72
CA GLU E 272 26.05 -0.19 -21.90
C GLU E 272 25.29 -1.32 -22.58
N TYR E 273 24.06 -1.02 -22.98
CA TYR E 273 23.15 -2.11 -23.35
C TYR E 273 23.64 -3.00 -24.50
N PRO E 274 24.25 -2.49 -25.58
CA PRO E 274 24.58 -3.40 -26.70
C PRO E 274 25.62 -4.44 -26.30
N LEU E 275 25.14 -5.46 -25.60
CA LEU E 275 25.97 -6.49 -24.99
C LEU E 275 27.00 -7.04 -25.96
N THR E 276 28.27 -6.95 -25.57
CA THR E 276 29.37 -7.45 -26.39
C THR E 276 30.16 -8.48 -25.59
N PHE E 277 30.64 -9.50 -26.30
CA PHE E 277 31.39 -10.59 -25.70
C PHE E 277 32.87 -10.46 -26.05
N GLY E 278 33.72 -11.04 -25.21
CA GLY E 278 35.14 -11.11 -25.51
C GLY E 278 35.43 -12.15 -26.57
N ALA E 279 36.68 -12.12 -27.06
CA ALA E 279 37.09 -13.07 -28.08
C ALA E 279 37.05 -14.51 -27.58
N GLY E 280 37.17 -14.71 -26.27
CA GLY E 280 37.14 -16.04 -25.70
C GLY E 280 38.51 -16.58 -25.40
N THR E 281 38.74 -17.00 -24.17
CA THR E 281 40.01 -17.56 -23.74
C THR E 281 39.85 -19.07 -23.60
N LYS E 282 40.46 -19.82 -24.50
CA LYS E 282 40.35 -21.27 -24.50
C LYS E 282 41.38 -21.89 -23.56
N LEU E 283 40.94 -22.87 -22.78
CA LEU E 283 41.82 -23.62 -21.90
C LEU E 283 42.07 -25.00 -22.50
N GLU E 284 43.34 -25.40 -22.58
CA GLU E 284 43.73 -26.66 -23.16
C GLU E 284 44.45 -27.52 -22.14
N LEU E 285 44.39 -28.83 -22.35
CA LEU E 285 45.02 -29.81 -21.46
C LEU E 285 44.56 -29.66 -20.02
C1' UGA F . -16.10 44.14 -20.02
C2' UGA F . -15.40 43.05 -19.19
O2' UGA F . -16.32 42.45 -18.27
C3' UGA F . -14.17 43.57 -18.43
O3' UGA F . -12.99 43.11 -19.08
C4' UGA F . -14.19 45.08 -18.37
O4' UGA F . -13.32 45.53 -17.34
C5' UGA F . -15.63 45.51 -18.10
O5' UGA F . -16.39 45.34 -19.29
C6' UGA F . -15.73 46.93 -17.64
O'P UGA F . -14.79 47.71 -17.87
O'Q UGA F . -16.77 47.26 -17.05
PB UGA F . -17.38 43.08 -21.98
O1B UGA F . -16.67 44.05 -22.88
O2B UGA F . -18.79 42.63 -22.33
O3B UGA F . -17.34 43.65 -20.49
O3A UGA F . -16.43 41.80 -21.81
PA UGA F . -16.97 40.33 -22.12
O1A UGA F . -17.41 40.34 -23.56
O2A UGA F . -17.95 39.88 -21.04
O5D UGA F . -15.64 39.47 -21.96
C5D UGA F . -14.41 40.08 -21.56
C4D UGA F . -13.24 39.48 -22.32
O4D UGA F . -13.21 38.05 -22.19
C3D UGA F . -13.37 39.80 -23.79
O3D UGA F . -12.11 40.15 -24.34
C2D UGA F . -13.89 38.52 -24.41
O2D UGA F . -13.47 38.37 -25.77
C1D UGA F . -13.38 37.43 -23.48
N1 UGA F . -14.35 36.35 -23.40
C6 UGA F . -15.65 36.61 -23.25
C2 UGA F . -13.93 35.00 -23.47
O2 UGA F . -12.72 34.75 -23.60
N3 UGA F . -14.82 34.01 -23.40
C4 UGA F . -16.12 34.26 -23.26
O4 UGA F . -16.94 33.31 -23.20
C5 UGA F . -16.56 35.57 -23.18
#